data_2NZY
#
_entry.id   2NZY
#
_cell.length_a   103.962
_cell.length_b   135.740
_cell.length_c   96.190
_cell.angle_alpha   90.00
_cell.angle_beta   90.00
_cell.angle_gamma   90.00
#
_symmetry.space_group_name_H-M   'P 21 21 2'
#
loop_
_entity.id
_entity.type
_entity.pdbx_description
1 polymer Alpha1,3-Fucosyltransferase
2 non-polymer alpha-L-fucopyranose
3 non-polymer "GUANOSINE-5'-DIPHOSPHATE"
4 non-polymer 'SULFATE ION'
5 water water
#
_entity_poly.entity_id   1
_entity_poly.type   'polypeptide(L)'
_entity_poly.pdbx_seq_one_letter_code
;MFQPLLDAYVESASIEKMASKSPPPLKIAVANWWGDEEIKEFKNSVLYFILSQRYTITLHQNPNEFSDLVFGNPLGSARK
ILSYQNAKRVFYTGENESPNFNLFDYAIGFDELDFNDRYLRMPLYYDRLHHKAESVNDTTAPYKLKDNSLYALKKPSHCF
KEKHPNLCAVVNDESDPLKRGFASFVASNPNAPIRNAFYDALNSIEPVTGGGSVRNTLGYNVKNKNEFLSQYKFNLCFEN
TQGYGYVTEKIIDAYFSHTIPIYWGSPSVAKDFNPKSFVNVHDFKNFDEAIDYIKYLHTHKNAYLDMLYENPLNTLDGKA
YFYQNLSFKKILAFFKTILENDTIYHDNPFIFCRDLNEPLVTILEHHHHHH
;
_entity_poly.pdbx_strand_id   A,B,C
#
loop_
_chem_comp.id
_chem_comp.type
_chem_comp.name
_chem_comp.formula
FUC L-saccharide, alpha linking alpha-L-fucopyranose 'C6 H12 O5'
GDP RNA linking GUANOSINE-5'-DIPHOSPHATE 'C10 H15 N5 O11 P2'
SO4 non-polymer 'SULFATE ION' 'O4 S -2'
#
# COMPACT_ATOMS: atom_id res chain seq x y z
N MET A 1 38.44 -23.31 -4.25
CA MET A 1 39.19 -22.10 -3.76
C MET A 1 38.14 -21.11 -3.24
N PHE A 2 37.98 -21.08 -1.93
CA PHE A 2 37.01 -20.26 -1.28
C PHE A 2 37.41 -18.80 -1.16
N GLN A 3 38.72 -18.58 -1.04
CA GLN A 3 39.23 -17.21 -0.85
C GLN A 3 38.64 -16.15 -1.79
N PRO A 4 38.66 -16.39 -3.10
CA PRO A 4 38.12 -15.42 -4.06
C PRO A 4 36.60 -15.16 -3.84
N LEU A 5 35.85 -16.22 -3.54
CA LEU A 5 34.41 -16.12 -3.25
C LEU A 5 34.22 -15.23 -2.02
N LEU A 6 35.04 -15.45 -0.99
CA LEU A 6 34.94 -14.64 0.22
C LEU A 6 35.30 -13.21 -0.14
N ASP A 7 36.29 -13.04 -1.04
CA ASP A 7 36.68 -11.69 -1.42
C ASP A 7 35.50 -10.97 -2.10
N ALA A 8 34.82 -11.67 -2.99
CA ALA A 8 33.69 -11.04 -3.67
C ALA A 8 32.57 -10.80 -2.65
N TYR A 9 32.34 -11.76 -1.77
CA TYR A 9 31.25 -11.58 -0.82
C TYR A 9 31.52 -10.35 0.05
N VAL A 10 32.76 -10.17 0.50
CA VAL A 10 33.08 -8.99 1.31
C VAL A 10 32.89 -7.70 0.54
N GLU A 11 33.23 -7.73 -0.74
CA GLU A 11 33.03 -6.50 -1.53
C GLU A 11 31.52 -6.24 -1.67
N SER A 12 30.74 -7.30 -1.90
CA SER A 12 29.30 -7.13 -2.04
C SER A 12 28.63 -6.57 -0.74
N ALA A 13 29.36 -6.66 0.36
CA ALA A 13 28.88 -6.24 1.66
C ALA A 13 29.29 -4.81 1.96
N SER A 14 29.93 -4.14 1.01
CA SER A 14 30.35 -2.78 1.30
C SER A 14 29.31 -1.73 0.92
N ILE A 15 29.10 -0.84 1.88
CA ILE A 15 28.14 0.26 1.79
C ILE A 15 28.75 1.40 2.60
N GLU A 16 28.18 2.60 2.53
CA GLU A 16 28.72 3.67 3.35
C GLU A 16 28.37 3.32 4.80
N LYS A 17 29.17 3.78 5.74
CA LYS A 17 28.93 3.49 7.17
C LYS A 17 27.88 4.49 7.70
N MET A 18 27.02 4.02 8.62
CA MET A 18 25.96 4.88 9.18
C MET A 18 26.48 6.29 9.47
N ALA A 19 25.98 7.26 8.71
CA ALA A 19 26.38 8.65 8.86
C ALA A 19 26.29 9.16 10.32
N SER A 20 25.13 8.92 10.96
CA SER A 20 24.85 9.33 12.33
C SER A 20 24.33 8.14 13.18
N LYS A 21 24.96 7.90 14.34
CA LYS A 21 24.60 6.79 15.25
C LYS A 21 23.19 6.86 15.80
N SER A 22 22.25 7.25 14.91
CA SER A 22 20.83 7.37 15.24
C SER A 22 19.96 6.59 14.22
N PRO A 23 20.23 5.29 14.00
CA PRO A 23 19.44 4.52 13.05
C PRO A 23 17.95 4.53 13.35
N PRO A 24 17.13 5.03 12.41
CA PRO A 24 15.69 5.05 12.64
C PRO A 24 15.12 3.66 12.98
N PRO A 25 14.06 3.66 13.81
CA PRO A 25 13.36 2.47 14.28
C PRO A 25 12.68 1.67 13.20
N LEU A 26 12.81 0.38 13.27
CA LEU A 26 12.13 -0.49 12.32
C LEU A 26 11.52 -1.62 13.17
N LYS A 27 10.21 -1.77 13.12
CA LYS A 27 9.56 -2.81 13.93
C LYS A 27 9.17 -3.96 13.05
N ILE A 28 9.72 -5.12 13.32
CA ILE A 28 9.42 -6.28 12.51
C ILE A 28 8.68 -7.37 13.24
N ALA A 29 7.53 -7.82 12.72
CA ALA A 29 6.86 -8.93 13.38
C ALA A 29 7.36 -10.25 12.79
N VAL A 30 7.62 -11.23 13.65
CA VAL A 30 8.10 -12.53 13.22
C VAL A 30 7.27 -13.61 13.96
N ALA A 31 7.53 -14.89 13.60
CA ALA A 31 6.82 -16.08 14.10
C ALA A 31 6.56 -16.09 15.59
N ASN A 32 5.27 -16.21 15.95
CA ASN A 32 4.88 -16.19 17.35
C ASN A 32 5.37 -17.38 18.17
N TRP A 33 5.54 -18.51 17.47
CA TRP A 33 5.97 -19.74 18.13
C TRP A 33 7.49 -19.72 18.39
N TRP A 34 8.23 -18.87 17.65
CA TRP A 34 9.67 -18.78 17.83
C TRP A 34 10.13 -18.65 19.27
N GLY A 35 11.09 -19.48 19.66
CA GLY A 35 11.64 -19.41 20.99
C GLY A 35 12.88 -18.54 20.95
N ASP A 36 13.56 -18.38 22.08
CA ASP A 36 14.79 -17.57 22.11
C ASP A 36 15.89 -18.17 21.17
N GLU A 37 15.89 -19.50 20.93
CA GLU A 37 16.90 -20.08 20.02
C GLU A 37 16.67 -19.47 18.63
N GLU A 38 15.46 -19.63 18.08
CA GLU A 38 15.13 -19.10 16.77
C GLU A 38 15.32 -17.56 16.70
N ILE A 39 15.03 -16.84 17.76
CA ILE A 39 15.22 -15.40 17.69
C ILE A 39 16.72 -15.10 17.57
N LYS A 40 17.56 -15.86 18.26
CA LYS A 40 19.03 -15.66 18.20
C LYS A 40 19.49 -15.96 16.78
N GLU A 41 19.04 -17.07 16.24
CA GLU A 41 19.41 -17.43 14.86
C GLU A 41 18.96 -16.30 13.90
N PHE A 42 17.73 -15.80 14.05
CA PHE A 42 17.30 -14.71 13.16
C PHE A 42 18.16 -13.43 13.38
N LYS A 43 18.50 -13.12 14.61
CA LYS A 43 19.29 -11.91 14.85
C LYS A 43 20.64 -12.09 14.27
N ASN A 44 20.95 -13.33 13.85
CA ASN A 44 22.23 -13.59 13.22
C ASN A 44 22.25 -13.90 11.73
N SER A 45 21.10 -13.74 11.05
CA SER A 45 20.95 -14.05 9.63
C SER A 45 21.40 -12.84 8.87
N VAL A 46 21.72 -13.03 7.59
CA VAL A 46 22.22 -11.89 6.86
C VAL A 46 21.17 -10.77 6.69
N LEU A 47 19.92 -11.17 6.57
CA LEU A 47 18.93 -10.14 6.29
C LEU A 47 18.87 -9.15 7.50
N TYR A 48 18.86 -9.69 8.71
CA TYR A 48 18.85 -8.87 9.93
C TYR A 48 20.12 -8.06 10.02
N PHE A 49 21.23 -8.67 9.59
CA PHE A 49 22.51 -7.99 9.69
C PHE A 49 22.54 -6.79 8.80
N ILE A 50 22.10 -6.97 7.57
CA ILE A 50 22.08 -5.89 6.59
C ILE A 50 21.17 -4.75 7.07
N LEU A 51 20.00 -5.09 7.59
CA LEU A 51 19.07 -4.05 8.03
C LEU A 51 19.61 -3.34 9.27
N SER A 52 20.27 -4.08 10.19
CA SER A 52 20.77 -3.37 11.36
C SER A 52 21.83 -2.30 11.00
N GLN A 53 22.36 -2.27 9.76
CA GLN A 53 23.32 -1.22 9.38
C GLN A 53 22.61 0.11 9.09
N ARG A 54 21.28 0.05 9.00
CA ARG A 54 20.50 1.26 8.68
C ARG A 54 19.28 1.54 9.54
N TYR A 55 18.95 0.61 10.42
CA TYR A 55 17.80 0.80 11.28
C TYR A 55 18.09 0.23 12.65
N THR A 56 17.31 0.67 13.64
CA THR A 56 17.40 0.19 14.99
C THR A 56 16.22 -0.77 15.00
N ILE A 57 16.51 -2.03 14.96
CA ILE A 57 15.47 -3.03 14.90
C ILE A 57 14.93 -3.51 16.21
N THR A 58 13.61 -3.68 16.23
CA THR A 58 12.84 -4.24 17.36
C THR A 58 12.02 -5.41 16.76
N LEU A 59 12.01 -6.56 17.39
CA LEU A 59 11.24 -7.69 16.88
C LEU A 59 9.95 -7.77 17.72
N HIS A 60 8.85 -8.15 17.08
CA HIS A 60 7.58 -8.28 17.78
C HIS A 60 7.10 -9.70 17.57
N GLN A 61 6.66 -10.34 18.63
CA GLN A 61 6.07 -11.65 18.56
C GLN A 61 4.70 -11.60 19.24
N ASN A 62 4.16 -10.41 19.41
CA ASN A 62 2.85 -10.22 20.04
C ASN A 62 1.83 -9.88 18.93
N PRO A 63 0.82 -10.73 18.75
CA PRO A 63 -0.15 -10.41 17.67
C PRO A 63 -0.94 -9.05 17.86
N ASN A 64 -1.09 -8.64 19.09
CA ASN A 64 -1.76 -7.38 19.36
C ASN A 64 -0.76 -6.19 19.40
N GLU A 65 0.20 -6.16 18.47
CA GLU A 65 1.10 -5.03 18.37
C GLU A 65 1.23 -4.64 16.90
N PHE A 66 1.39 -3.33 16.69
CA PHE A 66 1.59 -2.77 15.37
C PHE A 66 3.10 -2.96 15.00
N SER A 67 3.39 -3.15 13.72
CA SER A 67 4.72 -3.34 13.20
C SER A 67 4.84 -2.65 11.87
N ASP A 68 6.06 -2.32 11.46
CA ASP A 68 6.27 -1.74 10.14
C ASP A 68 6.25 -2.88 9.09
N LEU A 69 6.77 -4.06 9.44
CA LEU A 69 6.79 -5.17 8.50
C LEU A 69 6.37 -6.43 9.20
N VAL A 70 5.73 -7.33 8.47
CA VAL A 70 5.35 -8.62 9.01
C VAL A 70 6.08 -9.65 8.13
N PHE A 71 6.88 -10.48 8.78
CA PHE A 71 7.68 -11.46 8.07
C PHE A 71 7.33 -12.89 7.94
N GLY A 72 8.28 -13.57 7.29
CA GLY A 72 8.27 -15.02 7.04
C GLY A 72 7.33 -15.72 6.06
N ASN A 73 6.64 -16.72 6.61
CA ASN A 73 5.66 -17.51 5.88
C ASN A 73 4.86 -18.24 6.98
N PRO A 74 3.97 -17.51 7.70
CA PRO A 74 3.14 -18.08 8.77
C PRO A 74 1.95 -18.93 8.28
N TYR A 84 -1.72 -8.47 11.33
CA TYR A 84 -0.91 -9.22 10.32
C TYR A 84 -1.56 -9.30 8.94
N GLN A 85 -2.83 -9.69 8.89
CA GLN A 85 -3.51 -9.81 7.60
C GLN A 85 -3.47 -8.54 6.74
N ASN A 86 -3.62 -7.39 7.40
CA ASN A 86 -3.66 -6.11 6.71
C ASN A 86 -2.42 -5.24 6.99
N ALA A 87 -1.33 -5.90 7.39
CA ALA A 87 -0.05 -5.14 7.62
C ALA A 87 0.87 -5.20 6.33
N LYS A 88 2.06 -4.60 6.30
CA LYS A 88 3.00 -4.64 5.13
C LYS A 88 3.78 -5.97 5.20
N ARG A 89 3.27 -6.95 4.47
CA ARG A 89 3.74 -8.32 4.55
C ARG A 89 4.87 -8.71 3.61
N VAL A 90 5.89 -9.38 4.18
CA VAL A 90 7.05 -9.86 3.43
C VAL A 90 7.19 -11.35 3.52
N PHE A 91 7.23 -12.01 2.38
CA PHE A 91 7.36 -13.47 2.33
C PHE A 91 8.85 -13.80 2.32
N TYR A 92 9.29 -14.66 3.22
CA TYR A 92 10.70 -15.07 3.26
C TYR A 92 10.71 -16.50 3.79
N THR A 93 11.20 -17.47 3.02
CA THR A 93 11.22 -18.85 3.54
C THR A 93 12.54 -19.52 3.17
N GLY A 94 12.89 -20.56 3.95
CA GLY A 94 14.07 -21.32 3.64
C GLY A 94 13.75 -22.44 2.63
N GLU A 95 12.47 -22.83 2.60
CA GLU A 95 11.98 -23.86 1.71
C GLU A 95 12.02 -23.52 0.20
N ASN A 96 11.79 -24.56 -0.58
CA ASN A 96 11.73 -24.48 -2.04
C ASN A 96 10.22 -24.27 -2.34
N GLU A 97 9.79 -23.04 -2.15
CA GLU A 97 8.39 -22.65 -2.25
C GLU A 97 8.27 -21.26 -2.83
N SER A 98 7.49 -21.10 -3.89
CA SER A 98 7.31 -19.77 -4.50
C SER A 98 6.32 -18.98 -3.61
N PRO A 99 6.40 -17.64 -3.62
CA PRO A 99 5.52 -16.77 -2.79
C PRO A 99 4.08 -16.68 -3.25
N ASN A 100 3.15 -16.51 -2.29
CA ASN A 100 1.73 -16.31 -2.63
C ASN A 100 1.58 -14.78 -2.70
N PHE A 101 1.49 -14.20 -3.90
CA PHE A 101 1.41 -12.76 -3.94
C PHE A 101 0.03 -12.19 -3.60
N ASN A 102 -0.95 -13.06 -3.40
CA ASN A 102 -2.28 -12.54 -2.98
C ASN A 102 -2.23 -12.14 -1.50
N LEU A 103 -1.45 -12.87 -0.69
CA LEU A 103 -1.33 -12.61 0.74
C LEU A 103 -0.18 -11.71 1.13
N PHE A 104 0.90 -11.75 0.35
CA PHE A 104 2.09 -10.93 0.68
C PHE A 104 2.30 -9.79 -0.27
N ASP A 105 2.58 -8.63 0.28
CA ASP A 105 2.87 -7.51 -0.52
C ASP A 105 4.20 -7.64 -1.23
N TYR A 106 5.17 -8.19 -0.51
CA TYR A 106 6.52 -8.34 -1.01
C TYR A 106 7.07 -9.70 -0.70
N ALA A 107 8.11 -10.09 -1.44
CA ALA A 107 8.68 -11.39 -1.23
C ALA A 107 10.17 -11.40 -1.54
N ILE A 108 10.88 -12.25 -0.81
CA ILE A 108 12.32 -12.46 -1.02
C ILE A 108 12.43 -13.97 -1.16
N GLY A 109 13.00 -14.41 -2.27
CA GLY A 109 13.14 -15.84 -2.53
C GLY A 109 14.24 -16.32 -3.47
N PHE A 110 14.11 -17.52 -3.99
CA PHE A 110 15.14 -18.06 -4.88
C PHE A 110 14.66 -18.03 -6.31
N ASP A 111 13.34 -17.85 -6.53
CA ASP A 111 12.85 -17.86 -7.93
C ASP A 111 13.47 -16.78 -8.85
N GLU A 112 13.66 -17.14 -10.10
CA GLU A 112 14.18 -16.19 -11.11
C GLU A 112 12.91 -15.53 -11.66
N LEU A 113 12.47 -14.48 -11.02
CA LEU A 113 11.24 -13.86 -11.43
C LEU A 113 11.38 -12.40 -11.20
N ASP A 114 10.68 -11.61 -12.02
CA ASP A 114 10.77 -10.19 -11.89
C ASP A 114 9.36 -9.68 -11.69
N PHE A 115 9.10 -9.08 -10.54
CA PHE A 115 7.75 -8.53 -10.23
C PHE A 115 8.00 -7.10 -9.76
N ASN A 116 8.93 -6.45 -10.46
CA ASN A 116 9.28 -5.06 -10.21
C ASN A 116 9.63 -4.84 -8.74
N ASP A 117 8.97 -3.91 -8.06
CA ASP A 117 9.30 -3.65 -6.66
C ASP A 117 8.83 -4.72 -5.68
N ARG A 118 8.03 -5.67 -6.13
CA ARG A 118 7.52 -6.64 -5.16
C ARG A 118 8.37 -7.88 -4.84
N TYR A 119 9.44 -8.10 -5.59
CA TYR A 119 10.19 -9.30 -5.42
C TYR A 119 11.70 -9.11 -5.49
N LEU A 120 12.43 -9.79 -4.62
CA LEU A 120 13.93 -9.76 -4.61
C LEU A 120 14.45 -11.21 -4.49
N ARG A 121 15.43 -11.59 -5.33
CA ARG A 121 15.99 -12.94 -5.26
C ARG A 121 17.20 -12.84 -4.35
N MET A 122 17.15 -13.54 -3.23
CA MET A 122 18.26 -13.56 -2.28
C MET A 122 18.31 -15.01 -1.85
N PRO A 123 19.11 -15.80 -2.58
CA PRO A 123 19.25 -17.21 -2.31
C PRO A 123 19.87 -17.49 -0.93
N LEU A 124 19.54 -18.65 -0.40
CA LEU A 124 20.06 -19.05 0.90
C LEU A 124 21.64 -19.07 0.89
N TYR A 125 22.24 -19.35 -0.28
CA TYR A 125 23.70 -19.36 -0.35
C TYR A 125 24.30 -18.03 0.11
N TYR A 126 23.59 -16.91 -0.10
CA TYR A 126 24.13 -15.61 0.32
C TYR A 126 24.22 -15.48 1.83
N ASP A 127 23.24 -16.03 2.54
CA ASP A 127 23.20 -16.04 4.00
C ASP A 127 24.28 -16.99 4.60
N ARG A 128 24.56 -18.06 3.89
CA ARG A 128 25.55 -19.02 4.34
C ARG A 128 26.90 -18.32 4.26
N LEU A 129 27.15 -17.54 3.20
CA LEU A 129 28.41 -16.80 3.09
C LEU A 129 28.56 -15.84 4.24
N HIS A 130 27.45 -15.17 4.61
CA HIS A 130 27.48 -14.24 5.72
C HIS A 130 28.04 -14.97 6.99
N HIS A 131 27.54 -16.17 7.23
CA HIS A 131 27.96 -16.95 8.38
C HIS A 131 29.44 -17.40 8.28
N LYS A 132 29.87 -17.80 7.06
CA LYS A 132 31.26 -18.19 6.84
C LYS A 132 32.13 -16.93 7.13
N ALA A 133 31.78 -15.80 6.52
CA ALA A 133 32.58 -14.61 6.77
C ALA A 133 32.75 -14.31 8.28
N GLU A 134 31.64 -14.48 9.02
CA GLU A 134 31.59 -14.21 10.42
C GLU A 134 32.57 -15.14 11.14
N SER A 135 32.54 -16.41 10.80
CA SER A 135 33.39 -17.36 11.47
C SER A 135 34.87 -17.16 11.16
N VAL A 136 35.19 -16.61 10.00
CA VAL A 136 36.58 -16.43 9.73
C VAL A 136 37.13 -15.14 10.23
N ASN A 137 36.34 -14.44 11.02
CA ASN A 137 36.84 -13.21 11.66
C ASN A 137 37.45 -13.88 12.87
N ASP A 138 38.53 -14.60 12.62
CA ASP A 138 39.20 -15.39 13.66
C ASP A 138 40.71 -15.32 13.39
N THR A 139 41.50 -15.12 14.45
CA THR A 139 42.95 -14.98 14.30
C THR A 139 43.59 -16.26 13.79
N THR A 140 42.91 -17.40 13.98
CA THR A 140 43.42 -18.67 13.51
C THR A 140 42.87 -19.16 12.16
N ALA A 141 41.95 -18.41 11.52
CA ALA A 141 41.41 -18.83 10.24
C ALA A 141 42.36 -18.70 9.02
N PRO A 142 42.26 -19.64 8.07
CA PRO A 142 43.05 -19.75 6.82
C PRO A 142 42.50 -18.87 5.72
N TYR A 143 41.36 -18.25 6.01
CA TYR A 143 40.71 -17.38 5.04
C TYR A 143 40.79 -15.97 5.62
N LYS A 144 41.19 -15.01 4.81
CA LYS A 144 41.35 -13.65 5.29
C LYS A 144 40.29 -12.62 4.77
N LEU A 145 39.86 -11.74 5.69
CA LEU A 145 38.90 -10.66 5.44
C LEU A 145 39.65 -9.36 5.31
N LYS A 146 39.28 -8.54 4.34
CA LYS A 146 39.92 -7.23 4.13
C LYS A 146 39.89 -6.47 5.43
N ASP A 147 40.94 -5.69 5.66
CA ASP A 147 41.06 -4.90 6.88
C ASP A 147 40.00 -3.85 6.92
N ASN A 148 39.52 -3.57 8.13
CA ASN A 148 38.55 -2.50 8.33
C ASN A 148 37.25 -2.59 7.58
N SER A 149 37.05 -3.77 7.00
CA SER A 149 35.85 -4.14 6.30
C SER A 149 34.83 -4.43 7.42
N LEU A 150 33.53 -4.40 7.09
CA LEU A 150 32.44 -4.64 8.04
C LEU A 150 32.58 -5.87 8.90
N TYR A 151 32.82 -7.02 8.30
CA TYR A 151 32.97 -8.23 9.09
C TYR A 151 34.23 -8.28 9.98
N ALA A 152 35.20 -7.41 9.73
CA ALA A 152 36.44 -7.40 10.52
C ALA A 152 36.33 -6.45 11.70
N LEU A 153 35.33 -5.59 11.67
CA LEU A 153 35.17 -4.62 12.73
C LEU A 153 34.77 -5.14 14.12
N LYS A 154 34.25 -6.35 14.22
CA LYS A 154 33.89 -6.93 15.54
C LYS A 154 35.13 -7.63 16.13
N LYS A 155 35.08 -7.99 17.42
CA LYS A 155 36.22 -8.69 18.05
C LYS A 155 36.29 -10.10 17.49
N PRO A 156 37.47 -10.49 16.98
CA PRO A 156 37.63 -11.84 16.42
C PRO A 156 37.82 -12.97 17.39
N SER A 157 37.49 -14.18 16.97
CA SER A 157 37.66 -15.37 17.83
C SER A 157 39.04 -16.06 17.54
N HIS A 158 39.30 -17.17 18.20
CA HIS A 158 40.59 -17.83 18.00
C HIS A 158 40.44 -19.36 17.99
N CYS A 159 39.23 -19.84 17.79
CA CYS A 159 38.97 -21.28 17.82
C CYS A 159 38.89 -22.00 16.48
N PHE A 160 38.93 -21.25 15.39
CA PHE A 160 38.79 -21.90 14.10
C PHE A 160 39.76 -23.06 13.81
N LYS A 161 41.06 -22.81 13.98
CA LYS A 161 42.06 -23.86 13.72
C LYS A 161 41.85 -25.12 14.64
N GLU A 162 41.55 -24.86 15.90
CA GLU A 162 41.30 -25.91 16.88
C GLU A 162 40.16 -26.77 16.33
N LYS A 163 39.09 -26.14 15.85
CA LYS A 163 37.97 -26.90 15.32
C LYS A 163 38.10 -27.41 13.88
N HIS A 164 38.95 -26.79 13.06
CA HIS A 164 39.11 -27.20 11.66
C HIS A 164 40.57 -27.40 11.24
N PRO A 165 41.33 -28.22 11.97
CA PRO A 165 42.73 -28.52 11.71
C PRO A 165 43.04 -28.99 10.31
N ASN A 166 42.33 -30.03 9.92
CA ASN A 166 42.52 -30.62 8.62
C ASN A 166 42.11 -29.60 7.52
N LEU A 167 41.10 -28.78 7.79
CA LEU A 167 40.67 -27.79 6.80
C LEU A 167 41.79 -26.77 6.64
N CYS A 168 42.34 -26.31 7.77
CA CYS A 168 43.43 -25.33 7.71
C CYS A 168 44.65 -25.89 7.04
N ALA A 169 44.98 -27.14 7.37
CA ALA A 169 46.14 -27.83 6.80
C ALA A 169 46.12 -27.82 5.27
N VAL A 170 44.99 -28.19 4.67
CA VAL A 170 44.89 -28.24 3.21
C VAL A 170 44.82 -26.84 2.55
N VAL A 171 44.30 -25.85 3.25
CA VAL A 171 44.18 -24.50 2.70
C VAL A 171 45.51 -23.76 2.87
N ASN A 172 46.16 -24.00 4.00
CA ASN A 172 47.46 -23.44 4.32
C ASN A 172 48.59 -24.18 3.61
N ASP A 173 48.32 -24.74 2.46
CA ASP A 173 49.31 -25.48 1.69
C ASP A 173 50.17 -26.47 2.47
N GLU A 174 49.66 -26.87 3.62
CA GLU A 174 50.38 -27.78 4.47
C GLU A 174 49.92 -29.21 4.40
N SER A 175 49.21 -29.57 3.34
CA SER A 175 48.72 -30.92 3.18
C SER A 175 48.39 -31.08 1.73
N ASP A 176 48.36 -32.31 1.25
CA ASP A 176 48.06 -32.50 -0.14
C ASP A 176 46.57 -32.73 -0.34
N PRO A 177 45.96 -31.96 -1.26
CA PRO A 177 44.52 -32.12 -1.51
C PRO A 177 44.17 -33.47 -2.19
N LEU A 178 45.18 -34.05 -2.87
CA LEU A 178 45.01 -35.33 -3.58
C LEU A 178 45.11 -36.49 -2.60
N LYS A 179 45.68 -36.21 -1.43
CA LYS A 179 45.82 -37.25 -0.43
C LYS A 179 44.70 -37.17 0.62
N ARG A 180 43.50 -37.48 0.14
CA ARG A 180 42.32 -37.46 0.98
C ARG A 180 41.36 -38.53 0.45
N GLY A 181 40.35 -38.83 1.26
CA GLY A 181 39.34 -39.80 0.85
C GLY A 181 38.62 -39.33 -0.43
N PHE A 182 37.75 -40.18 -0.97
CA PHE A 182 37.03 -39.86 -2.19
C PHE A 182 35.94 -38.81 -1.96
N ALA A 183 34.84 -39.23 -1.34
CA ALA A 183 33.74 -38.30 -1.18
C ALA A 183 32.91 -38.39 0.08
N SER A 184 32.51 -37.20 0.54
CA SER A 184 31.69 -37.02 1.73
C SER A 184 30.17 -36.88 1.42
N PHE A 185 29.30 -37.20 2.35
CA PHE A 185 27.88 -37.05 2.07
C PHE A 185 27.25 -36.78 3.41
N VAL A 186 26.81 -35.54 3.65
CA VAL A 186 26.21 -35.26 4.94
C VAL A 186 24.75 -34.81 4.74
N ALA A 187 23.81 -35.70 5.09
CA ALA A 187 22.38 -35.42 4.95
C ALA A 187 21.58 -36.13 6.04
N SER A 188 20.62 -35.46 6.65
CA SER A 188 19.81 -36.13 7.67
C SER A 188 18.32 -36.16 7.36
N ASN A 189 17.92 -35.44 6.33
CA ASN A 189 16.52 -35.44 5.90
C ASN A 189 16.37 -36.69 5.02
N PRO A 190 15.58 -37.67 5.48
CA PRO A 190 15.44 -38.87 4.65
C PRO A 190 14.76 -38.64 3.31
N ASN A 191 13.73 -37.82 3.35
CA ASN A 191 12.95 -37.55 2.15
C ASN A 191 13.74 -36.73 1.15
N ALA A 192 14.46 -37.40 0.26
CA ALA A 192 15.23 -36.73 -0.79
C ALA A 192 15.64 -37.79 -1.82
N PRO A 193 14.66 -38.42 -2.47
CA PRO A 193 14.81 -39.47 -3.48
C PRO A 193 16.02 -39.37 -4.44
N ILE A 194 16.13 -38.30 -5.22
CA ILE A 194 17.24 -38.15 -6.18
C ILE A 194 18.61 -38.21 -5.53
N ARG A 195 18.75 -37.52 -4.40
CA ARG A 195 20.01 -37.48 -3.69
C ARG A 195 20.35 -38.91 -3.16
N ASN A 196 19.36 -39.50 -2.50
CA ASN A 196 19.51 -40.82 -1.90
C ASN A 196 19.90 -41.83 -2.96
N ALA A 197 19.28 -41.71 -4.13
CA ALA A 197 19.52 -42.59 -5.24
C ALA A 197 20.91 -42.36 -5.86
N PHE A 198 21.35 -41.10 -5.86
CA PHE A 198 22.63 -40.79 -6.45
C PHE A 198 23.76 -41.28 -5.53
N TYR A 199 23.59 -41.14 -4.22
CA TYR A 199 24.62 -41.63 -3.33
C TYR A 199 24.85 -43.16 -3.50
N ASP A 200 23.77 -43.90 -3.75
CA ASP A 200 23.88 -45.34 -3.95
C ASP A 200 24.67 -45.59 -5.22
N ALA A 201 24.25 -44.94 -6.29
CA ALA A 201 24.91 -45.08 -7.58
C ALA A 201 26.41 -44.81 -7.48
N LEU A 202 26.78 -43.67 -6.93
CA LEU A 202 28.19 -43.35 -6.84
C LEU A 202 28.91 -44.23 -5.85
N ASN A 203 28.22 -44.57 -4.77
CA ASN A 203 28.80 -45.39 -3.70
C ASN A 203 29.12 -46.83 -4.10
N SER A 204 28.52 -47.26 -5.20
CA SER A 204 28.73 -48.62 -5.69
C SER A 204 29.86 -48.63 -6.68
N ILE A 205 30.41 -47.45 -6.95
CA ILE A 205 31.52 -47.36 -7.88
C ILE A 205 32.70 -46.77 -7.11
N GLU A 206 32.44 -46.50 -5.84
CA GLU A 206 33.45 -45.96 -4.92
C GLU A 206 32.78 -45.58 -3.61
N PRO A 207 33.15 -46.26 -2.51
CA PRO A 207 32.53 -45.93 -1.23
C PRO A 207 32.44 -44.44 -0.97
N VAL A 208 31.26 -43.98 -0.60
CA VAL A 208 31.08 -42.57 -0.28
C VAL A 208 30.90 -42.58 1.23
N THR A 209 31.65 -41.71 1.91
CA THR A 209 31.59 -41.65 3.36
C THR A 209 30.39 -40.84 3.80
N GLY A 210 29.45 -41.47 4.50
CA GLY A 210 28.28 -40.74 4.96
C GLY A 210 28.40 -40.23 6.38
N GLY A 211 28.34 -38.90 6.56
CA GLY A 211 28.44 -38.29 7.89
C GLY A 211 27.15 -37.84 8.59
N GLY A 212 26.04 -37.89 7.85
CA GLY A 212 24.77 -37.52 8.44
C GLY A 212 23.94 -38.77 8.77
N SER A 213 22.69 -38.59 9.16
CA SER A 213 21.83 -39.74 9.49
C SER A 213 21.49 -40.59 8.29
N VAL A 214 21.59 -40.00 7.10
CA VAL A 214 21.26 -40.73 5.90
C VAL A 214 22.53 -41.28 5.29
N ARG A 215 22.50 -42.58 5.01
CA ARG A 215 23.60 -43.36 4.45
C ARG A 215 24.88 -43.20 5.27
N ASN A 216 24.65 -43.15 6.58
CA ASN A 216 25.68 -43.01 7.59
C ASN A 216 26.75 -44.13 7.49
N THR A 217 28.01 -43.72 7.49
CA THR A 217 29.11 -44.64 7.38
C THR A 217 29.98 -44.64 8.62
N LEU A 218 30.11 -43.48 9.27
CA LEU A 218 30.99 -43.37 10.44
C LEU A 218 30.46 -43.97 11.74
N GLY A 219 29.15 -44.25 11.79
CA GLY A 219 28.58 -44.80 13.00
C GLY A 219 28.12 -43.69 13.94
N TYR A 220 28.29 -42.44 13.52
CA TYR A 220 27.88 -41.30 14.35
C TYR A 220 27.76 -40.09 13.44
N ASN A 221 26.94 -39.13 13.84
CA ASN A 221 26.74 -37.92 13.04
C ASN A 221 27.78 -36.85 13.33
N VAL A 222 28.50 -36.48 12.27
CA VAL A 222 29.56 -35.50 12.32
C VAL A 222 29.09 -34.21 12.96
N LYS A 223 29.87 -33.62 13.85
CA LYS A 223 29.44 -32.38 14.49
C LYS A 223 29.95 -31.17 13.72
N ASN A 224 31.09 -31.32 13.06
CA ASN A 224 31.58 -30.20 12.27
C ASN A 224 31.62 -30.61 10.79
N LYS A 225 30.55 -30.23 10.09
CA LYS A 225 30.40 -30.58 8.70
C LYS A 225 31.60 -30.10 7.86
N ASN A 226 32.02 -28.87 8.10
CA ASN A 226 33.09 -28.33 7.29
C ASN A 226 34.41 -29.03 7.57
N GLU A 227 34.69 -29.36 8.82
CA GLU A 227 35.92 -30.08 9.10
C GLU A 227 35.87 -31.44 8.40
N PHE A 228 34.74 -32.13 8.52
CA PHE A 228 34.58 -33.42 7.89
C PHE A 228 34.74 -33.39 6.36
N LEU A 229 34.01 -32.50 5.66
CA LEU A 229 34.13 -32.49 4.20
C LEU A 229 35.53 -32.14 3.72
N SER A 230 36.31 -31.37 4.48
CA SER A 230 37.68 -30.99 4.03
C SER A 230 38.59 -32.24 3.89
N GLN A 231 38.13 -33.35 4.42
CA GLN A 231 38.90 -34.57 4.37
C GLN A 231 38.63 -35.46 3.15
N TYR A 232 37.91 -34.93 2.17
CA TYR A 232 37.65 -35.72 0.98
C TYR A 232 37.82 -34.84 -0.21
N LYS A 233 38.08 -35.46 -1.35
CA LYS A 233 38.29 -34.72 -2.57
C LYS A 233 36.99 -34.06 -3.13
N PHE A 234 35.87 -34.74 -2.93
CA PHE A 234 34.58 -34.28 -3.42
C PHE A 234 33.52 -34.30 -2.33
N ASN A 235 32.50 -33.45 -2.48
CA ASN A 235 31.37 -33.46 -1.57
C ASN A 235 30.06 -33.69 -2.37
N LEU A 236 29.31 -34.71 -2.00
CA LEU A 236 28.04 -35.02 -2.64
C LEU A 236 27.09 -33.88 -2.13
N CYS A 237 26.83 -32.92 -3.01
CA CYS A 237 26.11 -31.65 -2.77
C CYS A 237 24.70 -31.56 -3.41
N PHE A 238 23.77 -32.37 -2.96
CA PHE A 238 22.46 -32.34 -3.58
C PHE A 238 21.41 -31.63 -2.74
N GLU A 239 20.56 -30.84 -3.40
CA GLU A 239 19.45 -30.17 -2.73
C GLU A 239 18.41 -31.28 -2.55
N ASN A 240 17.44 -31.10 -1.66
CA ASN A 240 16.47 -32.15 -1.45
C ASN A 240 15.39 -32.16 -2.55
N THR A 241 15.25 -31.08 -3.29
CA THR A 241 14.26 -31.06 -4.37
C THR A 241 14.81 -30.16 -5.44
N GLN A 242 14.25 -30.26 -6.64
CA GLN A 242 14.70 -29.44 -7.73
C GLN A 242 13.93 -28.11 -7.80
N GLY A 243 14.60 -27.03 -8.19
CA GLY A 243 13.92 -25.75 -8.28
C GLY A 243 14.85 -24.78 -8.98
N TYR A 244 14.30 -24.09 -9.99
CA TYR A 244 15.13 -23.12 -10.69
C TYR A 244 15.47 -21.92 -9.80
N GLY A 245 16.77 -21.81 -9.49
CA GLY A 245 17.30 -20.75 -8.65
C GLY A 245 17.39 -21.21 -7.21
N TYR A 246 16.97 -22.45 -6.94
CA TYR A 246 17.00 -22.97 -5.58
C TYR A 246 18.37 -23.53 -5.19
N VAL A 247 19.27 -22.62 -4.82
CA VAL A 247 20.65 -23.00 -4.46
C VAL A 247 20.82 -22.65 -3.02
N THR A 248 20.96 -23.64 -2.16
CA THR A 248 21.07 -23.38 -0.73
C THR A 248 22.49 -23.28 -0.18
N GLU A 249 22.63 -23.49 1.12
CA GLU A 249 23.94 -23.40 1.79
C GLU A 249 24.88 -24.52 1.35
N LYS A 250 24.34 -25.65 0.93
CA LYS A 250 25.15 -26.77 0.54
C LYS A 250 26.39 -26.54 -0.34
N ILE A 251 26.26 -25.86 -1.49
CA ILE A 251 27.39 -25.69 -2.38
C ILE A 251 28.43 -24.81 -1.73
N ILE A 252 27.97 -23.89 -0.88
CA ILE A 252 28.89 -23.02 -0.20
C ILE A 252 29.77 -23.85 0.80
N ASP A 253 29.18 -24.83 1.49
CA ASP A 253 29.97 -25.60 2.43
C ASP A 253 31.08 -26.38 1.71
N ALA A 254 30.81 -26.80 0.47
CA ALA A 254 31.79 -27.51 -0.30
C ALA A 254 32.98 -26.59 -0.60
N TYR A 255 32.71 -25.42 -1.17
CA TYR A 255 33.74 -24.45 -1.49
C TYR A 255 34.51 -24.08 -0.23
N PHE A 256 33.79 -23.95 0.86
CA PHE A 256 34.43 -23.54 2.09
C PHE A 256 35.42 -24.57 2.64
N SER A 257 35.06 -25.84 2.46
CA SER A 257 35.84 -26.93 2.93
C SER A 257 36.91 -27.38 1.93
N HIS A 258 37.09 -26.62 0.85
CA HIS A 258 38.14 -26.96 -0.08
C HIS A 258 37.95 -28.29 -0.81
N THR A 259 36.72 -28.70 -1.04
CA THR A 259 36.45 -29.97 -1.75
C THR A 259 35.59 -29.63 -2.96
N ILE A 260 35.62 -30.49 -3.97
CA ILE A 260 34.85 -30.23 -5.17
C ILE A 260 33.39 -30.62 -4.99
N PRO A 261 32.49 -29.64 -5.23
CA PRO A 261 31.06 -29.93 -5.08
C PRO A 261 30.56 -30.82 -6.23
N ILE A 262 29.84 -31.88 -5.86
CA ILE A 262 29.17 -32.74 -6.87
C ILE A 262 27.72 -32.29 -6.62
N TYR A 263 27.30 -31.40 -7.51
CA TYR A 263 26.05 -30.66 -7.40
C TYR A 263 24.85 -30.99 -8.26
N TRP A 264 23.70 -30.96 -7.61
CA TRP A 264 22.40 -31.17 -8.28
C TRP A 264 21.36 -30.38 -7.46
N GLY A 265 20.38 -29.82 -8.16
CA GLY A 265 19.31 -29.06 -7.51
C GLY A 265 18.73 -28.03 -8.49
N SER A 266 19.38 -26.88 -8.62
CA SER A 266 18.93 -25.84 -9.50
C SER A 266 19.58 -26.06 -10.90
N PRO A 267 18.75 -26.23 -11.93
CA PRO A 267 19.38 -26.45 -13.25
C PRO A 267 20.04 -25.23 -13.78
N SER A 268 19.86 -24.07 -13.15
CA SER A 268 20.45 -22.84 -13.63
C SER A 268 21.57 -22.43 -12.70
N VAL A 269 22.02 -23.38 -11.89
CA VAL A 269 23.08 -23.12 -10.91
C VAL A 269 24.31 -22.50 -11.53
N ALA A 270 24.51 -22.73 -12.83
CA ALA A 270 25.65 -22.14 -13.50
C ALA A 270 25.52 -20.63 -13.60
N LYS A 271 24.32 -20.07 -13.41
CA LYS A 271 24.20 -18.61 -13.47
C LYS A 271 24.84 -17.97 -12.22
N ASP A 272 24.67 -18.65 -11.10
CA ASP A 272 25.15 -18.21 -9.80
C ASP A 272 26.61 -18.57 -9.65
N PHE A 273 27.00 -19.75 -10.11
CA PHE A 273 28.44 -20.19 -9.93
C PHE A 273 29.25 -20.63 -11.19
N ASN A 274 30.56 -20.39 -11.18
CA ASN A 274 31.41 -20.82 -12.29
C ASN A 274 31.31 -22.35 -12.54
N PRO A 275 30.74 -22.73 -13.70
CA PRO A 275 30.62 -24.17 -13.95
C PRO A 275 31.97 -24.95 -14.02
N LYS A 276 33.08 -24.25 -14.20
CA LYS A 276 34.39 -24.89 -14.25
C LYS A 276 34.88 -25.26 -12.83
N SER A 277 34.18 -24.76 -11.81
CA SER A 277 34.59 -24.98 -10.43
C SER A 277 33.84 -26.09 -9.73
N PHE A 278 32.99 -26.82 -10.44
CA PHE A 278 32.28 -27.85 -9.70
C PHE A 278 31.68 -28.79 -10.69
N VAL A 279 31.23 -29.94 -10.22
CA VAL A 279 30.60 -30.91 -11.08
C VAL A 279 29.09 -30.65 -11.12
N ASN A 280 28.63 -30.07 -12.22
CA ASN A 280 27.20 -29.79 -12.36
C ASN A 280 26.43 -31.02 -12.92
N VAL A 281 25.90 -31.85 -12.06
CA VAL A 281 25.21 -33.00 -12.57
C VAL A 281 24.12 -32.66 -13.62
N HIS A 282 23.57 -31.44 -13.58
CA HIS A 282 22.52 -31.07 -14.55
C HIS A 282 23.04 -31.11 -15.98
N ASP A 283 24.33 -30.84 -16.15
CA ASP A 283 24.96 -30.84 -17.46
C ASP A 283 25.08 -32.23 -18.13
N PHE A 284 24.59 -33.29 -17.50
CA PHE A 284 24.70 -34.66 -18.07
C PHE A 284 23.37 -35.33 -18.36
N LYS A 285 23.37 -36.20 -19.36
CA LYS A 285 22.16 -36.89 -19.80
C LYS A 285 21.60 -37.86 -18.75
N ASN A 286 22.47 -38.32 -17.87
CA ASN A 286 22.00 -39.23 -16.86
C ASN A 286 23.04 -39.29 -15.77
N PHE A 287 22.75 -40.01 -14.69
CA PHE A 287 23.67 -40.13 -13.57
C PHE A 287 24.98 -40.76 -13.97
N ASP A 288 24.89 -41.85 -14.71
CA ASP A 288 26.05 -42.60 -15.18
C ASP A 288 27.09 -41.75 -15.89
N GLU A 289 26.65 -40.84 -16.74
CA GLU A 289 27.58 -39.97 -17.44
C GLU A 289 28.32 -39.03 -16.49
N ALA A 290 27.59 -38.50 -15.51
CA ALA A 290 28.21 -37.59 -14.56
C ALA A 290 29.15 -38.40 -13.66
N ILE A 291 28.74 -39.60 -13.26
CA ILE A 291 29.59 -40.44 -12.44
C ILE A 291 30.89 -40.72 -13.26
N ASP A 292 30.76 -40.92 -14.57
CA ASP A 292 31.97 -41.18 -15.34
C ASP A 292 32.89 -39.97 -15.18
N TYR A 293 32.34 -38.76 -15.33
CA TYR A 293 33.13 -37.54 -15.20
C TYR A 293 33.76 -37.43 -13.80
N ILE A 294 33.03 -37.83 -12.77
CA ILE A 294 33.55 -37.78 -11.39
C ILE A 294 34.75 -38.73 -11.31
N LYS A 295 34.62 -39.90 -11.95
CA LYS A 295 35.74 -40.85 -11.94
C LYS A 295 36.94 -40.22 -12.64
N TYR A 296 36.70 -39.68 -13.84
CA TYR A 296 37.76 -39.04 -14.59
C TYR A 296 38.51 -38.06 -13.74
N LEU A 297 37.79 -37.10 -13.14
CA LEU A 297 38.46 -36.06 -12.31
C LEU A 297 39.20 -36.68 -11.10
N HIS A 298 38.63 -37.75 -10.56
CA HIS A 298 39.25 -38.38 -9.43
C HIS A 298 40.54 -39.18 -9.75
N THR A 299 40.81 -39.38 -11.06
CA THR A 299 42.02 -40.11 -11.53
C THR A 299 42.87 -39.31 -12.49
N HIS A 300 42.56 -38.03 -12.66
CA HIS A 300 43.38 -37.19 -13.54
C HIS A 300 43.73 -35.94 -12.74
N LYS A 301 44.73 -36.07 -11.87
CA LYS A 301 45.17 -34.97 -11.00
C LYS A 301 45.02 -33.55 -11.55
N ASN A 302 45.61 -33.30 -12.71
CA ASN A 302 45.54 -31.96 -13.30
C ASN A 302 44.15 -31.39 -13.43
N ALA A 303 43.24 -32.20 -13.98
CA ALA A 303 41.85 -31.83 -14.18
C ALA A 303 41.28 -31.51 -12.79
N TYR A 304 41.51 -32.40 -11.82
CA TYR A 304 41.02 -32.22 -10.45
C TYR A 304 41.47 -30.90 -9.83
N LEU A 305 42.77 -30.64 -9.86
CA LEU A 305 43.26 -29.38 -9.33
C LEU A 305 42.76 -28.20 -10.16
N ASP A 306 42.61 -28.34 -11.47
CA ASP A 306 42.10 -27.19 -12.27
C ASP A 306 40.82 -26.65 -11.63
N MET A 307 39.84 -27.54 -11.49
CA MET A 307 38.52 -27.29 -10.88
C MET A 307 38.65 -26.77 -9.44
N LEU A 308 39.31 -27.52 -8.55
CA LEU A 308 39.48 -27.07 -7.16
C LEU A 308 40.03 -25.65 -7.04
N TYR A 309 40.77 -25.23 -8.07
CA TYR A 309 41.39 -23.90 -8.05
C TYR A 309 40.63 -22.83 -8.83
N GLU A 310 39.58 -23.22 -9.55
CA GLU A 310 38.77 -22.23 -10.29
C GLU A 310 38.09 -21.23 -9.29
N ASN A 311 37.83 -20.01 -9.75
CA ASN A 311 37.10 -19.04 -8.92
C ASN A 311 35.67 -19.63 -8.85
N PRO A 312 35.08 -19.72 -7.63
CA PRO A 312 33.71 -20.24 -7.49
C PRO A 312 32.69 -19.41 -8.30
N LEU A 313 32.96 -18.11 -8.41
CA LEU A 313 32.09 -17.16 -9.11
C LEU A 313 32.42 -16.99 -10.56
N ASN A 314 31.42 -16.58 -11.33
CA ASN A 314 31.62 -16.29 -12.75
C ASN A 314 32.35 -14.92 -12.80
N THR A 315 33.01 -14.59 -13.90
CA THR A 315 33.71 -13.30 -14.02
C THR A 315 33.27 -12.62 -15.27
N LEU A 316 33.41 -11.30 -15.26
CA LEU A 316 33.12 -10.50 -16.42
C LEU A 316 34.21 -9.46 -16.49
N ASP A 317 34.97 -9.55 -17.60
CA ASP A 317 36.10 -8.64 -17.86
C ASP A 317 37.04 -8.72 -16.66
N GLY A 318 37.30 -9.96 -16.25
CA GLY A 318 38.19 -10.22 -15.13
C GLY A 318 37.60 -10.08 -13.74
N LYS A 319 36.48 -9.38 -13.63
CA LYS A 319 35.91 -9.18 -12.31
C LYS A 319 34.84 -10.21 -11.95
N ALA A 320 35.00 -10.81 -10.76
CA ALA A 320 34.03 -11.82 -10.25
C ALA A 320 32.73 -11.10 -9.85
N TYR A 321 31.59 -11.75 -10.06
CA TYR A 321 30.30 -11.14 -9.73
C TYR A 321 29.32 -12.18 -9.23
N PHE A 322 28.37 -11.69 -8.41
CA PHE A 322 27.25 -12.53 -7.97
C PHE A 322 26.16 -12.31 -9.05
N TYR A 323 25.42 -13.35 -9.39
CA TYR A 323 24.40 -13.26 -10.40
C TYR A 323 23.46 -12.09 -10.07
N GLN A 324 23.17 -11.23 -11.05
CA GLN A 324 22.32 -10.07 -10.90
C GLN A 324 22.79 -9.10 -9.83
N ASN A 325 24.08 -9.12 -9.56
CA ASN A 325 24.69 -8.18 -8.61
C ASN A 325 24.10 -8.14 -7.21
N LEU A 326 23.75 -9.30 -6.72
CA LEU A 326 23.20 -9.43 -5.38
C LEU A 326 24.22 -8.74 -4.48
N SER A 327 23.77 -7.92 -3.55
CA SER A 327 24.66 -7.15 -2.70
C SER A 327 23.90 -6.50 -1.56
N PHE A 328 24.63 -6.05 -0.54
CA PHE A 328 24.07 -5.36 0.58
C PHE A 328 23.29 -4.13 0.07
N LYS A 329 23.89 -3.38 -0.84
CA LYS A 329 23.25 -2.18 -1.42
C LYS A 329 21.90 -2.51 -2.11
N LYS A 330 21.88 -3.64 -2.83
CA LYS A 330 20.69 -4.05 -3.55
C LYS A 330 19.59 -4.44 -2.55
N ILE A 331 19.99 -5.11 -1.45
CA ILE A 331 19.04 -5.54 -0.46
C ILE A 331 18.51 -4.34 0.31
N LEU A 332 19.38 -3.39 0.64
CA LEU A 332 18.92 -2.19 1.35
C LEU A 332 18.04 -1.33 0.42
N ALA A 333 18.35 -1.25 -0.87
CA ALA A 333 17.52 -0.44 -1.76
C ALA A 333 16.12 -1.08 -1.81
N PHE A 334 16.07 -2.39 -1.89
CA PHE A 334 14.79 -3.10 -1.92
C PHE A 334 13.94 -2.74 -0.71
N PHE A 335 14.52 -2.78 0.49
CA PHE A 335 13.80 -2.52 1.73
C PHE A 335 13.47 -1.04 1.89
N LYS A 336 14.32 -0.16 1.36
CA LYS A 336 14.01 1.29 1.44
C LYS A 336 12.74 1.58 0.58
N THR A 337 12.62 0.87 -0.53
CA THR A 337 11.46 1.07 -1.39
C THR A 337 10.23 0.51 -0.69
N ILE A 338 10.36 -0.65 -0.05
CA ILE A 338 9.24 -1.24 0.66
C ILE A 338 8.68 -0.27 1.70
N LEU A 339 9.58 0.19 2.58
CA LEU A 339 9.24 1.09 3.68
C LEU A 339 8.60 2.40 3.19
N GLU A 340 9.12 2.96 2.08
CA GLU A 340 8.60 4.19 1.52
C GLU A 340 7.36 4.05 0.63
N ASN A 341 7.00 2.84 0.22
CA ASN A 341 5.84 2.61 -0.64
C ASN A 341 4.60 2.32 0.27
N ASP A 342 3.55 3.12 0.17
CA ASP A 342 2.34 2.96 0.97
C ASP A 342 1.26 2.12 0.31
N THR A 343 1.48 1.75 -0.94
CA THR A 343 0.51 0.92 -1.66
C THR A 343 0.26 -0.45 -1.03
N ILE A 344 -0.98 -0.75 -0.76
CA ILE A 344 -1.25 -2.05 -0.23
C ILE A 344 -1.40 -2.94 -1.46
N TYR A 345 -0.58 -4.00 -1.58
CA TYR A 345 -0.71 -4.92 -2.69
C TYR A 345 -1.47 -6.17 -2.27
N HIS A 346 -1.42 -6.59 -0.99
CA HIS A 346 -2.11 -7.81 -0.60
C HIS A 346 -3.64 -7.76 -0.69
N ASP A 347 -4.31 -8.90 -0.82
CA ASP A 347 -5.79 -8.89 -0.93
C ASP A 347 -6.41 -8.08 0.24
N ASN A 348 -7.31 -7.15 -0.08
CA ASN A 348 -7.86 -6.33 0.97
C ASN A 348 -9.17 -6.91 1.37
N PRO A 349 -9.09 -7.77 2.39
CA PRO A 349 -10.15 -8.52 3.02
C PRO A 349 -11.27 -7.52 3.30
N PHE A 350 -12.43 -8.10 3.46
CA PHE A 350 -13.64 -7.37 3.74
C PHE A 350 -14.46 -8.62 3.82
N ILE A 351 -15.28 -8.70 4.85
CA ILE A 351 -16.13 -9.84 4.99
C ILE A 351 -17.48 -9.30 4.61
N PHE A 352 -18.26 -10.12 3.91
CA PHE A 352 -19.59 -9.73 3.47
C PHE A 352 -20.68 -10.71 3.97
N MET B 1 -14.56 5.72 -29.12
CA MET B 1 -14.44 5.39 -30.57
C MET B 1 -13.96 3.94 -30.68
N PHE B 2 -14.88 3.03 -30.72
CA PHE B 2 -14.50 1.63 -30.79
C PHE B 2 -13.82 1.14 -32.06
N GLN B 3 -14.15 1.73 -33.23
CA GLN B 3 -13.58 1.18 -34.51
C GLN B 3 -12.08 0.97 -34.56
N PRO B 4 -11.26 1.98 -34.20
CA PRO B 4 -9.80 1.79 -34.25
C PRO B 4 -9.33 0.61 -33.29
N LEU B 5 -10.07 0.46 -32.18
CA LEU B 5 -9.76 -0.61 -31.19
C LEU B 5 -10.04 -1.96 -31.88
N LEU B 6 -11.17 -2.07 -32.60
CA LEU B 6 -11.47 -3.30 -33.30
C LEU B 6 -10.43 -3.53 -34.42
N ASP B 7 -10.03 -2.46 -35.12
CA ASP B 7 -9.03 -2.64 -36.14
C ASP B 7 -7.76 -3.24 -35.54
N ALA B 8 -7.27 -2.70 -34.42
CA ALA B 8 -6.03 -3.26 -33.85
C ALA B 8 -6.28 -4.71 -33.35
N TYR B 9 -7.41 -4.96 -32.73
CA TYR B 9 -7.68 -6.30 -32.26
C TYR B 9 -7.63 -7.28 -33.44
N VAL B 10 -8.38 -6.98 -34.51
CA VAL B 10 -8.41 -7.82 -35.71
C VAL B 10 -6.99 -8.00 -36.22
N GLU B 11 -6.17 -6.95 -36.24
CA GLU B 11 -4.78 -7.15 -36.67
C GLU B 11 -4.00 -8.10 -35.72
N SER B 12 -4.19 -7.93 -34.40
CA SER B 12 -3.47 -8.75 -33.43
C SER B 12 -3.93 -10.23 -33.57
N ALA B 13 -5.03 -10.48 -34.29
CA ALA B 13 -5.51 -11.86 -34.44
C ALA B 13 -4.98 -12.43 -35.73
N SER B 14 -4.10 -11.70 -36.36
CA SER B 14 -3.55 -12.21 -37.60
C SER B 14 -2.47 -13.29 -37.42
N ILE B 15 -2.63 -14.41 -38.11
CA ILE B 15 -1.64 -15.48 -38.03
C ILE B 15 -1.44 -16.12 -39.41
N GLU B 16 -0.26 -16.69 -39.54
CA GLU B 16 0.18 -17.41 -40.70
C GLU B 16 -0.82 -18.51 -41.05
N LYS B 17 -1.00 -18.66 -42.35
CA LYS B 17 -1.88 -19.70 -42.82
C LYS B 17 -1.05 -20.98 -42.79
N MET B 18 -1.72 -22.07 -42.56
CA MET B 18 -1.03 -23.34 -42.57
C MET B 18 -1.74 -24.14 -43.66
N ALA B 19 -1.13 -24.14 -44.83
CA ALA B 19 -1.69 -24.87 -45.97
C ALA B 19 -1.16 -26.28 -45.87
N SER B 20 0.16 -26.37 -46.08
CA SER B 20 0.96 -27.61 -46.07
C SER B 20 0.75 -28.46 -44.81
N LYS B 21 0.65 -27.78 -43.67
CA LYS B 21 0.51 -28.45 -42.40
C LYS B 21 -0.94 -28.60 -41.97
N SER B 22 -1.17 -29.58 -41.10
CA SER B 22 -2.51 -29.89 -40.58
C SER B 22 -2.48 -29.75 -39.08
N PRO B 23 -3.56 -29.21 -38.47
CA PRO B 23 -3.63 -29.00 -37.02
C PRO B 23 -3.57 -30.30 -36.22
N PRO B 24 -2.40 -30.59 -35.63
CA PRO B 24 -2.17 -31.80 -34.83
C PRO B 24 -3.09 -31.93 -33.66
N PRO B 25 -3.39 -33.18 -33.26
CA PRO B 25 -4.29 -33.37 -32.11
C PRO B 25 -3.62 -32.88 -30.84
N LEU B 26 -4.42 -32.20 -30.01
CA LEU B 26 -4.01 -31.69 -28.74
C LEU B 26 -5.12 -32.13 -27.77
N LYS B 27 -4.74 -32.82 -26.69
CA LYS B 27 -5.71 -33.29 -25.69
C LYS B 27 -5.57 -32.41 -24.42
N ILE B 28 -6.64 -31.69 -24.09
CA ILE B 28 -6.67 -30.83 -22.91
C ILE B 28 -7.64 -31.29 -21.81
N ALA B 29 -7.10 -31.54 -20.62
CA ALA B 29 -7.93 -31.90 -19.51
C ALA B 29 -8.23 -30.60 -18.74
N VAL B 30 -9.45 -30.56 -18.21
CA VAL B 30 -9.94 -29.48 -17.40
C VAL B 30 -10.01 -30.14 -16.01
N ALA B 31 -9.62 -29.44 -14.95
CA ALA B 31 -9.70 -30.03 -13.60
C ALA B 31 -11.13 -30.48 -13.25
N ASN B 32 -11.23 -31.44 -12.34
CA ASN B 32 -12.53 -31.98 -11.88
C ASN B 32 -13.46 -31.00 -11.16
N TRP B 33 -12.93 -30.16 -10.28
CA TRP B 33 -13.76 -29.19 -9.55
C TRP B 33 -14.27 -28.08 -10.43
N TRP B 34 -13.93 -28.16 -11.70
CA TRP B 34 -14.39 -27.13 -12.58
C TRP B 34 -15.82 -27.48 -12.91
N GLY B 35 -16.70 -26.52 -12.63
CA GLY B 35 -18.10 -26.70 -12.91
C GLY B 35 -18.38 -26.83 -14.39
N ASP B 36 -19.64 -26.97 -14.75
CA ASP B 36 -19.97 -27.07 -16.16
C ASP B 36 -20.03 -25.70 -16.78
N GLU B 37 -20.33 -24.66 -15.99
CA GLU B 37 -20.39 -23.33 -16.54
C GLU B 37 -18.94 -22.94 -16.83
N GLU B 38 -18.05 -23.23 -15.88
CA GLU B 38 -16.64 -22.96 -16.06
C GLU B 38 -16.12 -23.55 -17.38
N ILE B 39 -16.56 -24.77 -17.71
CA ILE B 39 -16.12 -25.49 -18.92
C ILE B 39 -16.69 -24.84 -20.17
N LYS B 40 -17.96 -24.46 -20.09
CA LYS B 40 -18.61 -23.81 -21.22
C LYS B 40 -17.86 -22.50 -21.53
N GLU B 41 -17.60 -21.75 -20.45
CA GLU B 41 -16.88 -20.50 -20.55
C GLU B 41 -15.45 -20.62 -21.17
N PHE B 42 -14.76 -21.69 -20.79
CA PHE B 42 -13.41 -21.92 -21.27
C PHE B 42 -13.42 -22.29 -22.74
N LYS B 43 -14.36 -23.14 -23.09
CA LYS B 43 -14.56 -23.58 -24.46
C LYS B 43 -14.93 -22.37 -25.34
N ASN B 44 -15.58 -21.36 -24.77
CA ASN B 44 -15.94 -20.21 -25.58
C ASN B 44 -14.97 -19.07 -25.42
N SER B 45 -13.88 -19.31 -24.73
CA SER B 45 -12.95 -18.20 -24.47
C SER B 45 -12.03 -17.92 -25.68
N VAL B 46 -11.42 -16.75 -25.68
CA VAL B 46 -10.47 -16.42 -26.78
C VAL B 46 -9.27 -17.41 -26.73
N LEU B 47 -8.93 -17.91 -25.54
CA LEU B 47 -7.82 -18.80 -25.46
C LEU B 47 -8.11 -20.07 -26.25
N TYR B 48 -9.31 -20.59 -26.04
CA TYR B 48 -9.66 -21.82 -26.70
C TYR B 48 -9.74 -21.60 -28.20
N PHE B 49 -10.31 -20.48 -28.55
CA PHE B 49 -10.43 -20.08 -29.96
C PHE B 49 -9.05 -19.97 -30.60
N ILE B 50 -8.11 -19.36 -29.91
CA ILE B 50 -6.77 -19.21 -30.44
C ILE B 50 -6.08 -20.55 -30.67
N LEU B 51 -6.05 -21.42 -29.66
CA LEU B 51 -5.44 -22.69 -29.81
C LEU B 51 -6.10 -23.52 -30.92
N SER B 52 -7.43 -23.38 -31.04
CA SER B 52 -8.18 -24.11 -32.05
C SER B 52 -7.73 -23.77 -33.48
N GLN B 53 -6.93 -22.72 -33.66
CA GLN B 53 -6.47 -22.36 -35.01
C GLN B 53 -5.24 -23.15 -35.39
N ARG B 54 -4.57 -23.70 -34.38
CA ARG B 54 -3.38 -24.46 -34.64
C ARG B 54 -3.41 -25.89 -34.14
N TYR B 55 -4.43 -26.27 -33.39
CA TYR B 55 -4.47 -27.66 -32.91
C TYR B 55 -5.89 -28.24 -33.07
N THR B 56 -6.00 -29.56 -33.18
CA THR B 56 -7.30 -30.19 -33.24
C THR B 56 -7.53 -30.61 -31.78
N ILE B 57 -8.35 -29.82 -31.11
CA ILE B 57 -8.57 -29.97 -29.69
C ILE B 57 -9.62 -30.94 -29.25
N THR B 58 -9.26 -31.66 -28.19
CA THR B 58 -10.14 -32.56 -27.49
C THR B 58 -10.05 -32.07 -26.05
N LEU B 59 -11.21 -31.71 -25.52
CA LEU B 59 -11.32 -31.23 -24.16
C LEU B 59 -12.04 -32.37 -23.37
N HIS B 60 -11.52 -32.77 -22.21
CA HIS B 60 -12.23 -33.78 -21.40
C HIS B 60 -12.00 -33.50 -19.95
N GLN B 61 -12.61 -34.32 -19.09
CA GLN B 61 -12.47 -34.08 -17.66
C GLN B 61 -12.28 -35.40 -16.96
N ASN B 62 -11.45 -36.23 -17.55
CA ASN B 62 -11.20 -37.55 -17.06
C ASN B 62 -9.76 -37.64 -16.56
N PRO B 63 -9.54 -37.71 -15.23
CA PRO B 63 -8.16 -37.79 -14.71
C PRO B 63 -7.33 -39.03 -15.18
N ASN B 64 -7.98 -40.07 -15.66
CA ASN B 64 -7.23 -41.25 -16.08
C ASN B 64 -6.63 -41.21 -17.46
N GLU B 65 -6.98 -40.22 -18.26
CA GLU B 65 -6.42 -40.15 -19.60
C GLU B 65 -5.26 -39.20 -19.62
N PHE B 66 -4.18 -39.73 -20.20
CA PHE B 66 -2.94 -39.04 -20.41
C PHE B 66 -3.27 -37.83 -21.35
N SER B 67 -2.99 -36.61 -20.88
CA SER B 67 -3.29 -35.40 -21.66
C SER B 67 -2.04 -34.58 -21.92
N ASP B 68 -2.14 -33.61 -22.86
CA ASP B 68 -1.01 -32.73 -23.16
C ASP B 68 -0.95 -31.57 -22.18
N LEU B 69 -2.12 -31.10 -21.71
CA LEU B 69 -2.17 -29.98 -20.74
C LEU B 69 -3.33 -30.23 -19.79
N VAL B 70 -3.26 -29.63 -18.60
CA VAL B 70 -4.36 -29.70 -17.67
C VAL B 70 -4.58 -28.27 -17.18
N PHE B 71 -5.81 -27.77 -17.32
CA PHE B 71 -6.19 -26.40 -16.86
C PHE B 71 -6.92 -26.49 -15.52
N GLY B 72 -6.49 -25.65 -14.58
CA GLY B 72 -7.07 -25.63 -13.27
C GLY B 72 -7.44 -24.24 -12.76
N ASN B 73 -7.58 -24.20 -11.42
CA ASN B 73 -7.94 -23.05 -10.59
C ASN B 73 -7.84 -23.62 -9.15
N PRO B 74 -6.91 -23.10 -8.34
CA PRO B 74 -6.74 -23.58 -6.96
C PRO B 74 -8.04 -23.50 -6.15
N GLN B 85 -2.36 -34.91 -10.72
CA GLN B 85 -1.66 -35.65 -11.83
C GLN B 85 -0.19 -35.21 -12.07
N ASN B 86 0.49 -35.88 -13.02
CA ASN B 86 1.85 -35.45 -13.36
C ASN B 86 1.94 -34.78 -14.75
N ALA B 87 0.83 -34.26 -15.23
CA ALA B 87 0.84 -33.58 -16.50
C ALA B 87 1.21 -32.11 -16.22
N LYS B 88 1.32 -31.32 -17.29
CA LYS B 88 1.65 -29.89 -17.22
C LYS B 88 0.38 -29.18 -16.83
N ARG B 89 0.42 -28.40 -15.73
CA ARG B 89 -0.78 -27.71 -15.29
C ARG B 89 -0.71 -26.22 -15.56
N VAL B 90 -1.81 -25.71 -16.10
CA VAL B 90 -1.93 -24.30 -16.47
C VAL B 90 -3.05 -23.61 -15.66
N PHE B 91 -2.70 -22.54 -14.96
CA PHE B 91 -3.64 -21.76 -14.19
C PHE B 91 -4.17 -20.64 -15.14
N TYR B 92 -5.48 -20.46 -15.22
CA TYR B 92 -6.06 -19.43 -16.08
C TYR B 92 -7.22 -18.84 -15.32
N THR B 93 -7.04 -17.58 -14.93
CA THR B 93 -8.05 -16.87 -14.14
C THR B 93 -8.63 -15.67 -14.90
N GLY B 94 -9.90 -15.38 -14.64
CA GLY B 94 -10.53 -14.20 -15.18
C GLY B 94 -10.75 -13.32 -13.94
N GLU B 95 -10.32 -13.82 -12.77
CA GLU B 95 -10.45 -13.07 -11.51
C GLU B 95 -9.14 -12.40 -11.04
N ASN B 96 -9.27 -11.50 -10.07
CA ASN B 96 -8.10 -10.78 -9.56
C ASN B 96 -7.33 -11.70 -8.56
N GLU B 97 -6.63 -12.68 -9.11
CA GLU B 97 -5.90 -13.65 -8.30
C GLU B 97 -4.54 -13.94 -8.92
N SER B 98 -3.47 -13.75 -8.15
CA SER B 98 -2.11 -14.06 -8.67
C SER B 98 -1.95 -15.59 -8.66
N PRO B 99 -1.19 -16.12 -9.62
CA PRO B 99 -1.02 -17.58 -9.69
C PRO B 99 -0.22 -18.20 -8.56
N ASN B 100 -0.50 -19.47 -8.28
CA ASN B 100 0.29 -20.22 -7.28
C ASN B 100 1.21 -21.12 -8.12
N PHE B 101 2.48 -20.75 -8.24
CA PHE B 101 3.47 -21.44 -9.05
C PHE B 101 4.00 -22.70 -8.40
N ASN B 102 3.59 -22.97 -7.16
CA ASN B 102 3.99 -24.21 -6.54
C ASN B 102 3.01 -25.28 -7.08
N LEU B 103 1.75 -24.90 -7.39
CA LEU B 103 0.79 -25.90 -7.87
C LEU B 103 0.66 -25.95 -9.36
N PHE B 104 1.00 -24.84 -10.01
CA PHE B 104 0.90 -24.75 -11.44
C PHE B 104 2.22 -24.50 -12.17
N ASP B 105 2.49 -25.31 -13.18
CA ASP B 105 3.68 -25.14 -13.98
C ASP B 105 3.63 -23.83 -14.79
N TYR B 106 2.48 -23.57 -15.41
CA TYR B 106 2.27 -22.37 -16.22
C TYR B 106 0.99 -21.62 -15.81
N ALA B 107 1.03 -20.27 -15.99
CA ALA B 107 -0.12 -19.44 -15.63
C ALA B 107 -0.39 -18.34 -16.64
N ILE B 108 -1.67 -18.01 -16.78
CA ILE B 108 -2.16 -16.95 -17.67
C ILE B 108 -2.93 -16.00 -16.77
N GLY B 109 -2.49 -14.78 -16.60
CA GLY B 109 -3.23 -13.87 -15.73
C GLY B 109 -3.15 -12.43 -16.13
N PHE B 110 -3.35 -11.60 -15.11
CA PHE B 110 -3.35 -10.17 -15.21
C PHE B 110 -2.07 -9.52 -14.68
N ASP B 111 -1.39 -10.17 -13.75
CA ASP B 111 -0.25 -9.54 -13.16
C ASP B 111 0.79 -9.01 -14.10
N GLU B 112 1.41 -7.92 -13.67
CA GLU B 112 2.49 -7.33 -14.43
C GLU B 112 3.76 -8.01 -13.91
N LEU B 113 4.00 -9.22 -14.35
CA LEU B 113 5.15 -9.96 -13.86
C LEU B 113 5.84 -10.78 -14.96
N ASP B 114 7.12 -11.02 -14.78
CA ASP B 114 7.91 -11.75 -15.75
C ASP B 114 8.53 -12.96 -15.10
N PHE B 115 8.08 -14.13 -15.55
CA PHE B 115 8.62 -15.35 -14.99
C PHE B 115 9.08 -16.21 -16.18
N ASN B 116 9.72 -15.57 -17.16
CA ASN B 116 10.22 -16.23 -18.40
C ASN B 116 9.07 -17.02 -19.02
N ASP B 117 9.35 -18.28 -19.27
CA ASP B 117 8.38 -19.13 -19.89
C ASP B 117 7.21 -19.55 -19.07
N ARG B 118 7.25 -19.33 -17.76
CA ARG B 118 6.16 -19.78 -16.93
C ARG B 118 4.88 -18.95 -16.85
N TYR B 119 4.95 -17.70 -17.30
CA TYR B 119 3.81 -16.80 -17.18
C TYR B 119 3.49 -15.93 -18.40
N LEU B 120 2.22 -15.72 -18.66
CA LEU B 120 1.80 -14.90 -19.77
C LEU B 120 0.64 -14.00 -19.27
N ARG B 121 0.79 -12.72 -19.52
CA ARG B 121 -0.25 -11.79 -19.16
C ARG B 121 -1.26 -11.76 -20.31
N MET B 122 -2.51 -12.15 -20.01
CA MET B 122 -3.61 -12.10 -20.99
C MET B 122 -4.90 -11.71 -20.25
N PRO B 123 -5.10 -10.40 -20.03
CA PRO B 123 -6.25 -9.80 -19.32
C PRO B 123 -7.55 -10.16 -19.97
N LEU B 124 -8.59 -10.17 -19.16
CA LEU B 124 -9.92 -10.50 -19.62
C LEU B 124 -10.41 -9.49 -20.67
N TYR B 125 -9.88 -8.28 -20.70
CA TYR B 125 -10.34 -7.37 -21.76
C TYR B 125 -10.11 -7.93 -23.14
N TYR B 126 -9.08 -8.75 -23.31
CA TYR B 126 -8.73 -9.33 -24.63
C TYR B 126 -9.77 -10.38 -25.04
N ASP B 127 -10.23 -11.14 -24.05
CA ASP B 127 -11.27 -12.13 -24.31
C ASP B 127 -12.57 -11.40 -24.65
N ARG B 128 -12.83 -10.26 -24.01
CA ARG B 128 -14.06 -9.50 -24.30
C ARG B 128 -14.00 -8.97 -25.80
N LEU B 129 -12.80 -8.56 -26.22
CA LEU B 129 -12.62 -8.08 -27.59
C LEU B 129 -12.96 -9.18 -28.56
N HIS B 130 -12.57 -10.42 -28.22
CA HIS B 130 -12.88 -11.58 -29.07
C HIS B 130 -14.38 -11.68 -29.28
N HIS B 131 -15.14 -11.61 -28.18
CA HIS B 131 -16.56 -11.74 -28.26
C HIS B 131 -17.23 -10.63 -29.04
N LYS B 132 -16.77 -9.38 -28.87
CA LYS B 132 -17.30 -8.24 -29.62
C LYS B 132 -17.05 -8.43 -31.12
N ALA B 133 -15.81 -8.80 -31.47
CA ALA B 133 -15.39 -9.00 -32.85
C ALA B 133 -16.39 -9.98 -33.51
N GLU B 134 -16.61 -11.13 -32.89
CA GLU B 134 -17.58 -12.05 -33.44
C GLU B 134 -19.00 -11.44 -33.51
N SER B 135 -19.37 -10.58 -32.56
CA SER B 135 -20.72 -10.07 -32.59
C SER B 135 -20.97 -9.01 -33.71
N VAL B 136 -19.91 -8.52 -34.32
CA VAL B 136 -20.08 -7.59 -35.40
C VAL B 136 -19.85 -8.24 -36.75
N ASN B 137 -19.75 -9.56 -36.77
CA ASN B 137 -19.65 -10.24 -38.07
C ASN B 137 -21.13 -10.33 -38.39
N ASP B 138 -21.68 -9.19 -38.77
CA ASP B 138 -23.10 -9.04 -39.00
C ASP B 138 -23.35 -7.91 -39.99
N THR B 139 -24.19 -8.20 -40.97
CA THR B 139 -24.54 -7.25 -42.03
C THR B 139 -25.18 -5.97 -41.50
N THR B 140 -25.66 -6.01 -40.27
CA THR B 140 -26.31 -4.84 -39.67
C THR B 140 -25.44 -4.03 -38.68
N ALA B 141 -24.27 -4.57 -38.35
CA ALA B 141 -23.37 -3.93 -37.39
C ALA B 141 -22.75 -2.61 -37.83
N PRO B 142 -22.71 -1.65 -36.90
CA PRO B 142 -22.14 -0.31 -37.12
C PRO B 142 -20.60 -0.32 -37.14
N TYR B 143 -20.03 -1.47 -36.78
CA TYR B 143 -18.58 -1.63 -36.76
C TYR B 143 -18.13 -2.54 -37.90
N LYS B 144 -17.02 -2.22 -38.53
CA LYS B 144 -16.51 -3.03 -39.66
C LYS B 144 -15.26 -3.94 -39.44
N LEU B 145 -15.33 -5.16 -39.93
CA LEU B 145 -14.20 -6.08 -39.85
C LEU B 145 -13.57 -6.16 -41.24
N LYS B 146 -12.24 -6.11 -41.30
CA LYS B 146 -11.46 -6.20 -42.55
C LYS B 146 -11.87 -7.51 -43.26
N ASP B 147 -12.10 -7.43 -44.56
CA ASP B 147 -12.50 -8.61 -45.32
C ASP B 147 -11.45 -9.68 -45.30
N ASN B 148 -11.89 -10.94 -45.38
CA ASN B 148 -10.98 -12.08 -45.34
C ASN B 148 -10.17 -12.22 -44.04
N SER B 149 -10.52 -11.47 -43.00
CA SER B 149 -9.80 -11.69 -41.75
C SER B 149 -10.49 -12.90 -41.08
N LEU B 150 -9.82 -13.51 -40.12
CA LEU B 150 -10.36 -14.64 -39.43
C LEU B 150 -11.81 -14.46 -38.97
N TYR B 151 -12.13 -13.34 -38.32
CA TYR B 151 -13.50 -13.15 -37.85
C TYR B 151 -14.57 -12.93 -38.91
N ALA B 152 -14.17 -12.68 -40.14
CA ALA B 152 -15.15 -12.48 -41.22
C ALA B 152 -15.31 -13.84 -41.94
N LEU B 153 -14.48 -14.82 -41.61
CA LEU B 153 -14.59 -16.13 -42.27
C LEU B 153 -15.95 -16.77 -42.17
N LYS B 154 -16.56 -16.70 -41.00
CA LYS B 154 -17.86 -17.32 -40.79
C LYS B 154 -19.02 -16.56 -41.43
N LYS B 155 -20.17 -17.24 -41.51
CA LYS B 155 -21.37 -16.64 -42.09
C LYS B 155 -21.82 -15.56 -41.12
N PRO B 156 -22.12 -14.36 -41.60
CA PRO B 156 -22.54 -13.29 -40.72
C PRO B 156 -23.97 -13.38 -40.24
N SER B 157 -24.24 -12.66 -39.16
CA SER B 157 -25.58 -12.64 -38.59
C SER B 157 -26.25 -11.41 -39.21
N HIS B 158 -27.50 -11.15 -38.81
CA HIS B 158 -28.24 -10.00 -39.35
C HIS B 158 -29.11 -9.35 -38.27
N CYS B 159 -28.85 -9.65 -37.02
CA CYS B 159 -29.65 -9.10 -35.94
C CYS B 159 -29.04 -7.94 -35.18
N PHE B 160 -27.81 -7.53 -35.50
CA PHE B 160 -27.24 -6.47 -34.69
C PHE B 160 -28.04 -5.17 -34.60
N LYS B 161 -28.33 -4.53 -35.72
CA LYS B 161 -29.09 -3.27 -35.68
C LYS B 161 -30.40 -3.44 -34.89
N GLU B 162 -31.09 -4.57 -35.08
CA GLU B 162 -32.32 -4.77 -34.37
C GLU B 162 -32.16 -4.63 -32.86
N LYS B 163 -31.17 -5.33 -32.31
CA LYS B 163 -30.96 -5.33 -30.86
C LYS B 163 -30.27 -4.11 -30.31
N HIS B 164 -29.62 -3.34 -31.17
CA HIS B 164 -28.91 -2.16 -30.72
C HIS B 164 -29.20 -0.97 -31.59
N PRO B 165 -30.48 -0.56 -31.66
CA PRO B 165 -30.88 0.58 -32.46
C PRO B 165 -30.20 1.88 -32.05
N ASN B 166 -30.21 2.16 -30.75
CA ASN B 166 -29.58 3.40 -30.33
C ASN B 166 -28.06 3.41 -30.50
N LEU B 167 -27.40 2.28 -30.24
CA LEU B 167 -25.94 2.22 -30.41
C LEU B 167 -25.62 2.48 -31.89
N CYS B 168 -26.22 1.68 -32.77
CA CYS B 168 -26.00 1.87 -34.20
C CYS B 168 -26.25 3.31 -34.63
N ALA B 169 -27.30 3.89 -34.08
CA ALA B 169 -27.67 5.24 -34.42
C ALA B 169 -26.59 6.23 -34.10
N VAL B 170 -26.06 6.11 -32.88
CA VAL B 170 -25.06 7.06 -32.48
C VAL B 170 -23.78 6.82 -33.23
N VAL B 171 -23.35 5.57 -33.32
CA VAL B 171 -22.12 5.28 -34.03
C VAL B 171 -22.26 5.66 -35.49
N ASN B 172 -23.47 5.49 -36.05
CA ASN B 172 -23.75 5.83 -37.44
C ASN B 172 -23.95 7.32 -37.74
N ASP B 173 -23.64 8.17 -36.77
CA ASP B 173 -23.74 9.62 -36.93
C ASP B 173 -25.16 10.06 -37.20
N GLU B 174 -26.09 9.15 -36.94
CA GLU B 174 -27.52 9.39 -37.11
C GLU B 174 -28.09 9.90 -35.83
N SER B 175 -27.24 10.35 -34.92
CA SER B 175 -27.71 10.87 -33.65
C SER B 175 -26.62 11.60 -32.93
N ASP B 176 -27.01 12.52 -32.06
CA ASP B 176 -26.06 13.34 -31.32
C ASP B 176 -25.57 12.64 -30.02
N PRO B 177 -24.24 12.45 -29.85
CA PRO B 177 -23.79 11.80 -28.61
C PRO B 177 -24.02 12.70 -27.39
N LEU B 178 -24.02 14.01 -27.62
CA LEU B 178 -24.28 14.95 -26.55
C LEU B 178 -25.74 14.92 -26.10
N LYS B 179 -26.63 14.34 -26.91
CA LYS B 179 -28.04 14.31 -26.53
C LYS B 179 -28.47 13.00 -25.89
N ARG B 180 -27.86 12.67 -24.76
CA ARG B 180 -28.22 11.44 -24.05
C ARG B 180 -28.13 11.76 -22.59
N GLY B 181 -28.47 10.77 -21.78
CA GLY B 181 -28.36 10.91 -20.33
C GLY B 181 -26.91 11.08 -19.82
N PHE B 182 -26.76 11.27 -18.51
CA PHE B 182 -25.42 11.51 -17.96
C PHE B 182 -24.48 10.31 -17.91
N ALA B 183 -24.85 9.32 -17.12
CA ALA B 183 -23.95 8.19 -16.93
C ALA B 183 -24.69 6.94 -16.55
N SER B 184 -24.18 5.79 -16.98
CA SER B 184 -24.77 4.51 -16.63
C SER B 184 -23.88 3.77 -15.61
N PHE B 185 -24.46 2.76 -14.98
CA PHE B 185 -23.76 2.02 -13.99
C PHE B 185 -24.47 0.68 -13.96
N VAL B 186 -23.72 -0.34 -14.31
CA VAL B 186 -24.23 -1.66 -14.43
C VAL B 186 -23.42 -2.68 -13.63
N ALA B 187 -23.94 -3.03 -12.47
CA ALA B 187 -23.30 -4.01 -11.63
C ALA B 187 -24.31 -4.78 -10.85
N SER B 188 -23.98 -6.03 -10.59
CA SER B 188 -24.86 -6.81 -9.78
C SER B 188 -24.12 -7.40 -8.60
N ASN B 189 -22.81 -7.13 -8.45
CA ASN B 189 -22.06 -7.64 -7.28
C ASN B 189 -22.06 -6.49 -6.28
N PRO B 190 -22.68 -6.69 -5.11
CA PRO B 190 -22.69 -5.58 -4.15
C PRO B 190 -21.41 -5.56 -3.31
N ASN B 191 -20.65 -6.67 -3.28
CA ASN B 191 -19.41 -6.67 -2.50
C ASN B 191 -18.25 -5.95 -3.23
N ALA B 192 -18.35 -4.62 -3.34
CA ALA B 192 -17.40 -3.74 -3.98
C ALA B 192 -17.63 -2.35 -3.36
N PRO B 193 -17.12 -2.16 -2.15
CA PRO B 193 -17.29 -0.89 -1.43
C PRO B 193 -16.82 0.36 -2.11
N ILE B 194 -15.67 0.30 -2.78
CA ILE B 194 -15.17 1.50 -3.47
C ILE B 194 -16.09 1.90 -4.65
N ARG B 195 -16.46 0.90 -5.45
CA ARG B 195 -17.40 1.10 -6.59
C ARG B 195 -18.75 1.72 -6.08
N ASN B 196 -19.30 1.12 -5.00
CA ASN B 196 -20.57 1.58 -4.41
C ASN B 196 -20.41 2.98 -3.83
N ALA B 197 -19.30 3.22 -3.16
CA ALA B 197 -19.13 4.54 -2.63
C ALA B 197 -18.95 5.55 -3.75
N PHE B 198 -18.26 5.19 -4.83
CA PHE B 198 -18.05 6.17 -5.91
C PHE B 198 -19.39 6.47 -6.60
N TYR B 199 -20.25 5.48 -6.71
CA TYR B 199 -21.55 5.71 -7.33
C TYR B 199 -22.32 6.76 -6.49
N ASP B 200 -22.53 6.43 -5.23
CA ASP B 200 -23.23 7.35 -4.35
C ASP B 200 -22.69 8.75 -4.48
N ALA B 201 -21.36 8.92 -4.50
CA ALA B 201 -20.76 10.25 -4.58
C ALA B 201 -21.03 11.02 -5.88
N LEU B 202 -20.96 10.32 -7.00
CA LEU B 202 -21.22 10.96 -8.30
C LEU B 202 -22.73 11.22 -8.51
N ASN B 203 -23.57 10.26 -8.08
CA ASN B 203 -25.02 10.32 -8.16
C ASN B 203 -25.55 11.58 -7.45
N SER B 204 -25.14 11.76 -6.22
CA SER B 204 -25.53 12.93 -5.43
C SER B 204 -25.07 14.25 -6.10
N ILE B 205 -24.41 14.15 -7.24
CA ILE B 205 -23.94 15.34 -7.95
C ILE B 205 -24.65 15.40 -9.31
N GLU B 206 -25.37 14.34 -9.62
CA GLU B 206 -26.05 14.24 -10.88
C GLU B 206 -26.54 12.80 -10.93
N PRO B 207 -27.85 12.62 -11.11
CA PRO B 207 -28.33 11.24 -11.16
C PRO B 207 -27.53 10.33 -12.10
N VAL B 208 -27.22 9.15 -11.57
CA VAL B 208 -26.48 8.14 -12.26
C VAL B 208 -27.44 6.97 -12.45
N THR B 209 -27.67 6.58 -13.69
CA THR B 209 -28.62 5.48 -13.92
C THR B 209 -28.15 4.07 -13.75
N GLY B 210 -28.82 3.36 -12.82
CA GLY B 210 -28.49 1.98 -12.52
C GLY B 210 -29.29 0.94 -13.27
N GLY B 211 -28.60 0.00 -13.92
CA GLY B 211 -29.25 -1.03 -14.73
C GLY B 211 -29.04 -2.45 -14.28
N GLY B 212 -28.24 -2.65 -13.25
CA GLY B 212 -28.02 -4.00 -12.72
C GLY B 212 -28.57 -4.12 -11.30
N SER B 213 -28.37 -5.26 -10.64
CA SER B 213 -28.84 -5.50 -9.26
C SER B 213 -28.47 -4.43 -8.23
N VAL B 214 -27.38 -3.74 -8.46
CA VAL B 214 -26.91 -2.79 -7.49
C VAL B 214 -27.21 -1.36 -7.82
N ARG B 215 -27.67 -0.62 -6.82
CA ARG B 215 -28.03 0.78 -6.96
C ARG B 215 -28.91 0.92 -8.20
N ASN B 216 -29.77 -0.05 -8.40
CA ASN B 216 -30.65 -0.03 -9.56
C ASN B 216 -31.67 1.11 -9.46
N THR B 217 -32.00 1.70 -10.61
CA THR B 217 -32.94 2.79 -10.68
C THR B 217 -33.88 2.70 -11.90
N LEU B 218 -33.93 1.52 -12.52
CA LEU B 218 -34.76 1.25 -13.71
C LEU B 218 -35.99 0.41 -13.38
N GLY B 219 -35.95 -0.32 -12.28
CA GLY B 219 -37.07 -1.15 -11.93
C GLY B 219 -36.93 -2.57 -12.46
N TYR B 220 -35.87 -2.77 -13.24
CA TYR B 220 -35.56 -4.09 -13.82
C TYR B 220 -34.05 -4.12 -14.14
N ASN B 221 -33.52 -5.31 -14.40
CA ASN B 221 -32.11 -5.38 -14.73
C ASN B 221 -31.98 -5.44 -16.23
N VAL B 222 -31.26 -4.50 -16.81
CA VAL B 222 -31.11 -4.45 -18.26
C VAL B 222 -30.66 -5.80 -18.82
N LYS B 223 -31.21 -6.14 -19.99
CA LYS B 223 -30.86 -7.39 -20.63
C LYS B 223 -29.73 -7.14 -21.64
N ASN B 224 -29.69 -5.98 -22.26
CA ASN B 224 -28.60 -5.73 -23.18
C ASN B 224 -27.82 -4.53 -22.72
N LYS B 225 -26.70 -4.83 -22.04
CA LYS B 225 -25.78 -3.83 -21.51
C LYS B 225 -25.24 -2.86 -22.56
N ASN B 226 -24.87 -3.37 -23.72
CA ASN B 226 -24.32 -2.48 -24.75
C ASN B 226 -25.35 -1.44 -25.24
N GLU B 227 -26.58 -1.89 -25.47
CA GLU B 227 -27.64 -0.97 -25.93
C GLU B 227 -27.86 -0.01 -24.77
N PHE B 228 -27.91 -0.53 -23.55
CA PHE B 228 -28.12 0.33 -22.42
C PHE B 228 -27.02 1.37 -22.27
N LEU B 229 -25.77 0.95 -22.41
CA LEU B 229 -24.69 1.93 -22.22
C LEU B 229 -24.68 2.96 -23.32
N SER B 230 -25.06 2.57 -24.55
CA SER B 230 -25.10 3.55 -25.69
C SER B 230 -25.96 4.78 -25.42
N GLN B 231 -26.89 4.67 -24.48
CA GLN B 231 -27.78 5.80 -24.18
C GLN B 231 -27.29 6.82 -23.16
N TYR B 232 -26.03 6.76 -22.74
CA TYR B 232 -25.56 7.80 -21.80
C TYR B 232 -24.21 8.38 -22.20
N LYS B 233 -23.82 9.53 -21.66
CA LYS B 233 -22.54 10.13 -22.06
C LYS B 233 -21.31 9.45 -21.37
N PHE B 234 -21.54 8.81 -20.22
CA PHE B 234 -20.46 8.14 -19.47
C PHE B 234 -20.94 6.84 -18.89
N ASN B 235 -19.97 5.91 -18.69
CA ASN B 235 -20.26 4.63 -18.05
C ASN B 235 -19.34 4.50 -16.81
N LEU B 236 -19.96 4.28 -15.64
CA LEU B 236 -19.23 4.13 -14.38
C LEU B 236 -18.67 2.73 -14.52
N CYS B 237 -17.36 2.72 -14.76
CA CYS B 237 -16.56 1.56 -15.09
C CYS B 237 -15.55 1.09 -13.97
N PHE B 238 -16.05 0.54 -12.89
CA PHE B 238 -15.20 0.14 -11.78
C PHE B 238 -14.99 -1.37 -11.62
N GLU B 239 -13.70 -1.79 -11.54
CA GLU B 239 -13.42 -3.21 -11.33
C GLU B 239 -13.92 -3.49 -9.89
N ASN B 240 -14.11 -4.72 -9.50
CA ASN B 240 -14.58 -4.86 -8.12
C ASN B 240 -13.53 -4.82 -7.03
N THR B 241 -12.26 -4.77 -7.44
CA THR B 241 -11.14 -4.63 -6.52
C THR B 241 -9.95 -4.06 -7.29
N GLN B 242 -9.03 -3.43 -6.57
CA GLN B 242 -7.84 -2.93 -7.23
C GLN B 242 -6.76 -3.99 -7.38
N GLY B 243 -6.11 -3.97 -8.52
CA GLY B 243 -4.97 -4.86 -8.73
C GLY B 243 -4.19 -4.28 -9.91
N TYR B 244 -2.87 -4.27 -9.83
CA TYR B 244 -2.04 -3.79 -10.95
C TYR B 244 -2.11 -4.75 -12.16
N GLY B 245 -2.65 -4.25 -13.30
CA GLY B 245 -2.86 -5.07 -14.49
C GLY B 245 -4.25 -5.69 -14.56
N TYR B 246 -5.05 -5.60 -13.48
CA TYR B 246 -6.39 -6.19 -13.42
C TYR B 246 -7.42 -5.30 -14.23
N VAL B 247 -7.56 -5.55 -15.54
CA VAL B 247 -8.44 -4.75 -16.42
C VAL B 247 -9.33 -5.78 -17.12
N THR B 248 -10.60 -5.78 -16.73
CA THR B 248 -11.53 -6.79 -17.23
C THR B 248 -12.35 -6.31 -18.45
N GLU B 249 -13.47 -7.00 -18.70
CA GLU B 249 -14.35 -6.65 -19.81
C GLU B 249 -14.97 -5.27 -19.70
N LYS B 250 -15.03 -4.69 -18.50
CA LYS B 250 -15.77 -3.46 -18.30
C LYS B 250 -15.40 -2.29 -19.15
N ILE B 251 -14.09 -1.99 -19.23
CA ILE B 251 -13.72 -0.84 -20.03
C ILE B 251 -14.01 -1.06 -21.53
N ILE B 252 -13.99 -2.31 -21.95
CA ILE B 252 -14.23 -2.64 -23.34
C ILE B 252 -15.71 -2.31 -23.66
N ASP B 253 -16.61 -2.74 -22.76
CA ASP B 253 -18.04 -2.50 -22.92
C ASP B 253 -18.33 -0.99 -23.09
N ALA B 254 -17.61 -0.16 -22.36
CA ALA B 254 -17.77 1.28 -22.49
C ALA B 254 -17.27 1.78 -23.83
N TYR B 255 -16.10 1.31 -24.30
CA TYR B 255 -15.63 1.77 -25.61
C TYR B 255 -16.64 1.34 -26.68
N PHE B 256 -16.99 0.06 -26.67
CA PHE B 256 -17.92 -0.53 -27.63
C PHE B 256 -19.28 0.17 -27.71
N SER B 257 -19.80 0.63 -26.58
CA SER B 257 -21.07 1.32 -26.58
C SER B 257 -20.90 2.82 -26.87
N HIS B 258 -19.73 3.23 -27.31
CA HIS B 258 -19.55 4.62 -27.66
C HIS B 258 -19.86 5.59 -26.49
N THR B 259 -19.40 5.23 -25.28
CA THR B 259 -19.55 6.09 -24.10
C THR B 259 -18.20 6.26 -23.38
N ILE B 260 -18.01 7.35 -22.66
CA ILE B 260 -16.72 7.56 -22.00
C ILE B 260 -16.59 6.71 -20.71
N PRO B 261 -15.53 5.88 -20.66
CA PRO B 261 -15.38 5.05 -19.44
C PRO B 261 -14.93 5.94 -18.32
N ILE B 262 -15.56 5.79 -17.17
CA ILE B 262 -15.04 6.51 -16.00
C ILE B 262 -14.46 5.25 -15.32
N TYR B 263 -13.14 5.18 -15.28
CA TYR B 263 -12.47 3.96 -14.80
C TYR B 263 -11.70 3.96 -13.49
N TRP B 264 -11.76 2.80 -12.85
CA TRP B 264 -11.06 2.50 -11.60
C TRP B 264 -10.82 1.00 -11.42
N GLY B 265 -9.59 0.63 -11.02
CA GLY B 265 -9.31 -0.78 -10.85
C GLY B 265 -7.80 -1.00 -10.94
N SER B 266 -7.27 -1.05 -12.15
CA SER B 266 -5.87 -1.24 -12.29
C SER B 266 -5.16 0.14 -12.27
N PRO B 267 -4.32 0.43 -11.27
CA PRO B 267 -3.71 1.76 -11.35
C PRO B 267 -2.77 1.94 -12.56
N SER B 268 -2.42 0.83 -13.23
CA SER B 268 -1.51 0.94 -14.36
C SER B 268 -2.31 0.81 -15.68
N VAL B 269 -3.63 1.02 -15.61
CA VAL B 269 -4.49 0.94 -16.79
C VAL B 269 -3.99 1.82 -17.97
N ALA B 270 -3.31 2.93 -17.72
CA ALA B 270 -2.79 3.76 -18.84
C ALA B 270 -1.80 3.01 -19.70
N LYS B 271 -1.30 1.89 -19.21
CA LYS B 271 -0.34 1.13 -20.05
C LYS B 271 -1.11 0.39 -21.13
N ASP B 272 -2.29 -0.12 -20.76
CA ASP B 272 -3.10 -0.85 -21.70
C ASP B 272 -3.97 0.04 -22.61
N PHE B 273 -4.42 1.19 -22.13
CA PHE B 273 -5.30 2.05 -22.95
C PHE B 273 -4.87 3.48 -22.93
N ASN B 274 -5.10 4.14 -24.06
CA ASN B 274 -4.77 5.57 -24.28
C ASN B 274 -5.43 6.42 -23.18
N PRO B 275 -4.63 7.08 -22.33
CA PRO B 275 -5.23 7.89 -21.26
C PRO B 275 -6.09 9.11 -21.72
N LYS B 276 -5.99 9.51 -22.99
CA LYS B 276 -6.82 10.65 -23.43
C LYS B 276 -8.21 10.17 -23.80
N SER B 277 -8.38 8.82 -23.85
CA SER B 277 -9.66 8.23 -24.19
C SER B 277 -10.60 7.92 -23.01
N PHE B 278 -10.18 8.27 -21.81
CA PHE B 278 -11.05 7.95 -20.68
C PHE B 278 -10.70 8.67 -19.44
N VAL B 279 -11.62 8.66 -18.46
CA VAL B 279 -11.39 9.27 -17.15
C VAL B 279 -10.71 8.17 -16.31
N ASN B 280 -9.52 8.44 -15.83
CA ASN B 280 -8.82 7.45 -14.99
C ASN B 280 -8.87 7.97 -13.56
N VAL B 281 -9.77 7.42 -12.78
CA VAL B 281 -9.93 7.90 -11.43
C VAL B 281 -8.61 7.80 -10.64
N HIS B 282 -7.72 6.90 -11.05
CA HIS B 282 -6.43 6.73 -10.36
C HIS B 282 -5.54 7.94 -10.51
N ASP B 283 -5.82 8.76 -11.52
CA ASP B 283 -5.01 9.97 -11.71
C ASP B 283 -5.28 11.04 -10.61
N PHE B 284 -6.34 10.92 -9.84
CA PHE B 284 -6.65 11.97 -8.84
C PHE B 284 -6.28 11.63 -7.39
N LYS B 285 -6.23 12.65 -6.54
CA LYS B 285 -5.89 12.44 -5.15
C LYS B 285 -7.08 12.00 -4.30
N ASN B 286 -8.29 12.25 -4.80
CA ASN B 286 -9.48 11.83 -4.11
C ASN B 286 -10.65 11.76 -5.06
N PHE B 287 -11.75 11.21 -4.61
CA PHE B 287 -12.92 11.15 -5.47
C PHE B 287 -13.46 12.52 -5.87
N ASP B 288 -13.56 13.47 -4.95
CA ASP B 288 -14.05 14.82 -5.29
C ASP B 288 -13.32 15.37 -6.52
N GLU B 289 -11.99 15.31 -6.51
CA GLU B 289 -11.26 15.82 -7.65
C GLU B 289 -11.62 15.15 -8.97
N ALA B 290 -11.96 13.87 -8.92
CA ALA B 290 -12.29 13.15 -10.15
C ALA B 290 -13.71 13.49 -10.58
N ILE B 291 -14.61 13.62 -9.63
CA ILE B 291 -15.97 13.98 -9.93
C ILE B 291 -15.91 15.40 -10.57
N ASP B 292 -14.97 16.23 -10.11
CA ASP B 292 -14.82 17.57 -10.68
C ASP B 292 -14.51 17.50 -12.19
N TYR B 293 -13.54 16.66 -12.54
CA TYR B 293 -13.14 16.51 -13.91
C TYR B 293 -14.32 15.94 -14.72
N ILE B 294 -15.04 15.00 -14.15
CA ILE B 294 -16.17 14.44 -14.85
C ILE B 294 -17.21 15.58 -15.12
N LYS B 295 -17.55 16.36 -14.08
CA LYS B 295 -18.50 17.50 -14.21
C LYS B 295 -18.05 18.38 -15.38
N TYR B 296 -16.76 18.68 -15.39
CA TYR B 296 -16.19 19.50 -16.43
C TYR B 296 -16.37 18.89 -17.80
N LEU B 297 -16.11 17.59 -17.92
CA LEU B 297 -16.26 16.94 -19.20
C LEU B 297 -17.69 17.04 -19.71
N HIS B 298 -18.63 16.90 -18.78
CA HIS B 298 -20.08 16.88 -19.06
C HIS B 298 -20.73 18.20 -19.45
N THR B 299 -19.97 19.29 -19.32
CA THR B 299 -20.43 20.66 -19.61
C THR B 299 -19.54 21.38 -20.61
N HIS B 300 -18.47 20.71 -21.06
CA HIS B 300 -17.58 21.28 -22.06
C HIS B 300 -17.58 20.29 -23.21
N LYS B 301 -18.56 20.47 -24.09
CA LYS B 301 -18.76 19.58 -25.23
C LYS B 301 -17.55 19.23 -26.10
N ASN B 302 -16.63 20.17 -26.32
CA ASN B 302 -15.46 19.89 -27.17
C ASN B 302 -14.47 18.93 -26.50
N ALA B 303 -14.33 19.07 -25.18
CA ALA B 303 -13.42 18.21 -24.39
C ALA B 303 -14.10 16.85 -24.31
N TYR B 304 -15.40 16.84 -24.07
CA TYR B 304 -16.09 15.57 -24.02
C TYR B 304 -15.91 14.90 -25.38
N LEU B 305 -16.11 15.66 -26.44
CA LEU B 305 -16.02 15.11 -27.79
C LEU B 305 -14.63 14.59 -28.14
N ASP B 306 -13.60 15.35 -27.81
CA ASP B 306 -12.23 14.94 -28.08
C ASP B 306 -11.98 13.57 -27.46
N MET B 307 -12.41 13.42 -26.21
CA MET B 307 -12.17 12.17 -25.51
C MET B 307 -12.95 11.04 -26.11
N LEU B 308 -14.17 11.31 -26.52
CA LEU B 308 -14.96 10.23 -27.10
C LEU B 308 -14.39 9.73 -28.42
N TYR B 309 -13.70 10.61 -29.13
CA TYR B 309 -13.18 10.18 -30.41
C TYR B 309 -11.73 9.76 -30.39
N GLU B 310 -11.10 9.75 -29.21
CA GLU B 310 -9.69 9.33 -29.17
C GLU B 310 -9.57 7.82 -29.48
N ASN B 311 -8.43 7.41 -29.98
CA ASN B 311 -8.22 5.97 -30.18
C ASN B 311 -8.09 5.39 -28.68
N PRO B 312 -8.84 4.33 -28.37
CA PRO B 312 -8.75 3.71 -27.02
C PRO B 312 -7.34 3.18 -26.78
N LEU B 313 -6.57 2.86 -27.85
CA LEU B 313 -5.23 2.32 -27.70
C LEU B 313 -4.20 3.34 -27.83
N ASN B 314 -3.08 3.10 -27.14
CA ASN B 314 -1.93 3.98 -27.26
C ASN B 314 -1.31 3.62 -28.61
N THR B 315 -0.48 4.54 -29.06
CA THR B 315 0.21 4.40 -30.31
C THR B 315 1.71 4.68 -30.16
N LEU B 316 2.51 3.89 -30.86
CA LEU B 316 3.95 4.07 -30.88
C LEU B 316 4.46 3.64 -32.25
N ASP B 317 5.49 4.34 -32.80
CA ASP B 317 6.06 3.98 -34.10
C ASP B 317 4.99 3.94 -35.19
N GLY B 318 4.06 4.89 -35.09
CA GLY B 318 2.98 5.05 -36.01
C GLY B 318 1.92 3.99 -36.05
N LYS B 319 1.83 3.19 -34.98
CA LYS B 319 0.89 2.09 -34.92
C LYS B 319 0.19 1.95 -33.51
N ALA B 320 -1.14 1.81 -33.48
CA ALA B 320 -1.90 1.51 -32.23
C ALA B 320 -1.34 0.15 -31.73
N TYR B 321 -1.32 -0.07 -30.45
CA TYR B 321 -0.77 -1.36 -29.98
C TYR B 321 -1.38 -1.82 -28.68
N PHE B 322 -1.27 -3.13 -28.46
CA PHE B 322 -1.73 -3.72 -27.21
C PHE B 322 -0.48 -3.80 -26.34
N TYR B 323 -0.61 -3.41 -25.09
CA TYR B 323 0.53 -3.47 -24.19
C TYR B 323 1.26 -4.81 -24.22
N GLN B 324 2.58 -4.71 -24.36
CA GLN B 324 3.46 -5.87 -24.43
C GLN B 324 3.14 -6.77 -25.64
N ASN B 325 2.54 -6.18 -26.64
CA ASN B 325 2.26 -6.91 -27.86
C ASN B 325 1.41 -8.17 -27.75
N LEU B 326 0.44 -8.10 -26.86
CA LEU B 326 -0.50 -9.16 -26.65
C LEU B 326 -1.14 -9.45 -28.02
N SER B 327 -1.10 -10.71 -28.45
CA SER B 327 -1.63 -11.09 -29.78
C SER B 327 -1.80 -12.61 -29.90
N PHE B 328 -2.44 -13.06 -30.99
CA PHE B 328 -2.60 -14.51 -31.17
C PHE B 328 -1.22 -15.14 -31.23
N LYS B 329 -0.30 -14.49 -31.94
CA LYS B 329 1.02 -15.12 -32.03
C LYS B 329 1.70 -15.22 -30.70
N LYS B 330 1.50 -14.26 -29.84
CA LYS B 330 2.18 -14.31 -28.52
C LYS B 330 1.61 -15.52 -27.72
N ILE B 331 0.30 -15.68 -27.78
CA ILE B 331 -0.38 -16.74 -27.06
C ILE B 331 -0.01 -18.12 -27.61
N LEU B 332 0.03 -18.21 -28.94
CA LEU B 332 0.41 -19.47 -29.57
C LEU B 332 1.87 -19.85 -29.28
N ALA B 333 2.80 -18.87 -29.28
CA ALA B 333 4.20 -19.17 -28.98
C ALA B 333 4.33 -19.63 -27.50
N PHE B 334 3.57 -19.03 -26.60
CA PHE B 334 3.58 -19.40 -25.16
C PHE B 334 3.20 -20.89 -25.02
N PHE B 335 2.13 -21.29 -25.70
CA PHE B 335 1.73 -22.69 -25.63
C PHE B 335 2.64 -23.64 -26.41
N LYS B 336 3.20 -23.16 -27.52
CA LYS B 336 4.13 -23.99 -28.28
C LYS B 336 5.34 -24.29 -27.38
N THR B 337 5.80 -23.30 -26.59
CA THR B 337 6.92 -23.50 -25.68
C THR B 337 6.53 -24.48 -24.57
N ILE B 338 5.29 -24.38 -24.06
CA ILE B 338 4.88 -25.32 -23.03
C ILE B 338 4.90 -26.76 -23.60
N LEU B 339 4.28 -26.95 -24.76
CA LEU B 339 4.20 -28.31 -25.31
C LEU B 339 5.56 -28.96 -25.57
N GLU B 340 6.56 -28.21 -26.01
CA GLU B 340 7.86 -28.76 -26.28
C GLU B 340 8.76 -28.87 -25.04
N ASN B 341 8.40 -28.24 -23.93
CA ASN B 341 9.28 -28.34 -22.79
C ASN B 341 8.80 -29.44 -21.85
N ASP B 342 9.69 -30.38 -21.55
CA ASP B 342 9.40 -31.56 -20.74
C ASP B 342 9.41 -31.34 -19.24
N THR B 343 10.03 -30.23 -18.82
CA THR B 343 10.13 -29.94 -17.40
C THR B 343 8.82 -29.79 -16.67
N ILE B 344 8.77 -30.37 -15.49
CA ILE B 344 7.62 -30.25 -14.62
C ILE B 344 8.13 -29.40 -13.44
N TYR B 345 7.47 -28.25 -13.25
CA TYR B 345 7.84 -27.32 -12.23
C TYR B 345 7.04 -27.47 -10.97
N HIS B 346 5.84 -28.06 -11.04
CA HIS B 346 5.04 -28.11 -9.82
C HIS B 346 5.58 -29.03 -8.72
N ASP B 347 5.12 -28.82 -7.49
CA ASP B 347 5.53 -29.64 -6.36
C ASP B 347 5.06 -31.09 -6.61
N ASN B 348 5.89 -32.07 -6.27
CA ASN B 348 5.56 -33.50 -6.44
C ASN B 348 5.49 -34.19 -5.06
N MET C 1 -11.21 41.30 28.00
CA MET C 1 -9.83 41.76 27.80
C MET C 1 -9.14 40.58 27.14
N PHE C 2 -9.00 40.61 25.84
CA PHE C 2 -8.37 39.48 25.17
C PHE C 2 -6.87 39.35 25.28
N GLN C 3 -6.14 40.44 25.48
CA GLN C 3 -4.65 40.36 25.49
C GLN C 3 -4.06 39.38 26.47
N PRO C 4 -4.57 39.37 27.70
CA PRO C 4 -4.01 38.43 28.66
C PRO C 4 -4.28 36.99 28.17
N LEU C 5 -5.40 36.78 27.45
CA LEU C 5 -5.72 35.41 26.97
C LEU C 5 -4.75 35.05 25.82
N LEU C 6 -4.44 36.02 24.94
CA LEU C 6 -3.49 35.77 23.85
C LEU C 6 -2.08 35.49 24.42
N ASP C 7 -1.69 36.30 25.41
CA ASP C 7 -0.37 36.05 26.01
C ASP C 7 -0.29 34.62 26.53
N ALA C 8 -1.33 34.21 27.25
CA ALA C 8 -1.31 32.85 27.77
C ALA C 8 -1.21 31.82 26.60
N TYR C 9 -1.94 32.07 25.51
CA TYR C 9 -1.92 31.13 24.40
C TYR C 9 -0.55 31.09 23.77
N VAL C 10 0.06 32.26 23.60
CA VAL C 10 1.38 32.31 23.00
C VAL C 10 2.36 31.56 23.89
N GLU C 11 2.33 31.77 25.19
CA GLU C 11 3.24 30.97 26.04
C GLU C 11 2.96 29.47 25.88
N SER C 12 1.68 29.08 25.78
CA SER C 12 1.39 27.67 25.67
C SER C 12 1.82 27.07 24.34
N ALA C 13 2.08 27.94 23.38
CA ALA C 13 2.53 27.53 22.08
C ALA C 13 4.05 27.48 22.05
N SER C 14 4.69 27.64 23.22
CA SER C 14 6.13 27.60 23.28
C SER C 14 6.77 26.24 23.37
N ILE C 15 7.60 25.91 22.38
CA ILE C 15 8.34 24.63 22.38
C ILE C 15 9.74 24.93 21.84
N GLU C 16 10.68 24.01 22.01
CA GLU C 16 12.07 24.12 21.53
C GLU C 16 12.18 24.05 20.00
N LYS C 17 13.12 24.75 19.39
CA LYS C 17 13.24 24.68 17.93
C LYS C 17 13.54 23.23 17.48
N MET C 18 13.08 22.87 16.29
CA MET C 18 13.25 21.52 15.77
C MET C 18 14.69 21.07 15.77
N ALA C 19 14.92 19.92 16.44
CA ALA C 19 16.24 19.31 16.52
C ALA C 19 16.69 19.00 15.08
N SER C 20 16.43 17.76 14.63
CA SER C 20 16.82 17.37 13.28
C SER C 20 16.47 18.50 12.30
N LYS C 21 17.32 18.69 11.30
CA LYS C 21 17.11 19.76 10.31
C LYS C 21 15.83 19.54 9.51
N SER C 22 15.45 18.27 9.40
CA SER C 22 14.24 17.86 8.71
C SER C 22 13.37 16.99 9.64
N PRO C 23 12.07 17.25 9.67
CA PRO C 23 11.22 16.44 10.55
C PRO C 23 10.81 15.12 9.94
N PRO C 24 10.87 14.05 10.73
CA PRO C 24 10.48 12.72 10.23
C PRO C 24 9.07 12.69 9.58
N PRO C 25 8.88 11.80 8.59
CA PRO C 25 7.60 11.69 7.89
C PRO C 25 6.49 11.09 8.74
N LEU C 26 5.27 11.63 8.61
CA LEU C 26 4.09 11.16 9.33
C LEU C 26 2.98 11.09 8.27
N LYS C 27 2.45 9.88 8.03
CA LYS C 27 1.38 9.67 7.02
C LYS C 27 0.09 9.54 7.83
N ILE C 28 -0.82 10.47 7.58
CA ILE C 28 -2.08 10.46 8.27
C ILE C 28 -3.22 10.21 7.25
N ALA C 29 -4.08 9.22 7.52
CA ALA C 29 -5.23 8.94 6.65
C ALA C 29 -6.43 9.79 7.13
N VAL C 30 -7.08 10.47 6.19
CA VAL C 30 -8.22 11.33 6.53
C VAL C 30 -9.46 10.98 5.75
N ALA C 31 -10.50 11.80 5.91
CA ALA C 31 -11.78 11.52 5.28
C ALA C 31 -11.69 11.34 3.76
N ASN C 32 -12.20 10.21 3.29
CA ASN C 32 -12.23 9.94 1.86
C ASN C 32 -13.10 10.95 1.09
N TRP C 33 -14.17 11.43 1.71
CA TRP C 33 -15.03 12.40 1.01
C TRP C 33 -14.46 13.82 0.99
N TRP C 34 -13.52 14.16 1.90
CA TRP C 34 -12.98 15.50 1.87
C TRP C 34 -12.48 15.88 0.49
N GLY C 35 -12.74 17.12 0.13
CA GLY C 35 -12.28 17.67 -1.12
C GLY C 35 -11.22 18.63 -0.65
N ASP C 36 -10.67 19.41 -1.56
CA ASP C 36 -9.62 20.37 -1.25
C ASP C 36 -10.02 21.48 -0.28
N GLU C 37 -11.31 21.75 -0.19
CA GLU C 37 -11.78 22.74 0.76
C GLU C 37 -11.60 22.24 2.23
N GLU C 38 -11.94 20.97 2.48
CA GLU C 38 -11.81 20.42 3.82
C GLU C 38 -10.34 20.24 4.17
N ILE C 39 -9.55 19.84 3.16
CA ILE C 39 -8.13 19.62 3.33
C ILE C 39 -7.36 20.89 3.73
N LYS C 40 -7.63 22.01 3.04
CA LYS C 40 -6.97 23.28 3.36
C LYS C 40 -7.36 23.66 4.79
N GLU C 41 -8.62 23.38 5.12
CA GLU C 41 -9.13 23.65 6.43
C GLU C 41 -8.38 22.80 7.44
N PHE C 42 -8.21 21.50 7.17
CA PHE C 42 -7.49 20.63 8.10
C PHE C 42 -6.04 21.09 8.22
N LYS C 43 -5.44 21.41 7.08
CA LYS C 43 -4.04 21.89 7.04
C LYS C 43 -3.85 23.21 7.78
N ASN C 44 -4.93 23.94 8.07
CA ASN C 44 -4.82 25.20 8.80
C ASN C 44 -5.27 25.06 10.26
N SER C 45 -5.69 23.85 10.68
CA SER C 45 -6.13 23.60 12.06
C SER C 45 -4.94 23.58 13.03
N VAL C 46 -5.24 23.75 14.29
CA VAL C 46 -4.20 23.82 15.27
C VAL C 46 -3.48 22.48 15.39
N LEU C 47 -4.21 21.36 15.31
CA LEU C 47 -3.57 20.09 15.44
C LEU C 47 -2.48 19.88 14.34
N TYR C 48 -2.82 20.19 13.09
CA TYR C 48 -1.89 20.04 12.00
C TYR C 48 -0.71 20.97 12.21
N PHE C 49 -1.00 22.20 12.60
CA PHE C 49 0.04 23.19 12.81
C PHE C 49 1.04 22.70 13.84
N ILE C 50 0.53 22.15 14.92
CA ILE C 50 1.39 21.67 15.98
C ILE C 50 2.22 20.47 15.48
N LEU C 51 1.56 19.52 14.80
CA LEU C 51 2.30 18.38 14.31
C LEU C 51 3.32 18.77 13.22
N SER C 52 3.02 19.76 12.40
CA SER C 52 3.99 20.17 11.39
C SER C 52 5.29 20.74 12.01
N GLN C 53 5.24 21.13 13.29
CA GLN C 53 6.44 21.64 13.94
C GLN C 53 7.39 20.51 14.20
N ARG C 54 6.92 19.26 14.14
CA ARG C 54 7.83 18.13 14.42
C ARG C 54 7.88 17.02 13.39
N TYR C 55 6.96 17.06 12.43
CA TYR C 55 6.88 15.98 11.44
C TYR C 55 6.59 16.52 10.07
N THR C 56 6.98 15.75 9.06
CA THR C 56 6.69 16.15 7.69
C THR C 56 5.47 15.30 7.38
N ILE C 57 4.35 15.98 7.38
CA ILE C 57 3.07 15.39 7.18
C ILE C 57 2.57 15.18 5.76
N THR C 58 2.11 13.97 5.50
CA THR C 58 1.50 13.62 4.24
C THR C 58 0.12 13.10 4.57
N LEU C 59 -0.89 13.57 3.86
CA LEU C 59 -2.28 13.12 4.08
C LEU C 59 -2.67 12.06 3.04
N HIS C 60 -3.35 11.00 3.46
CA HIS C 60 -3.76 9.96 2.49
C HIS C 60 -5.28 9.85 2.41
N GLN C 61 -5.84 9.70 1.21
CA GLN C 61 -7.25 9.50 1.11
C GLN C 61 -7.57 8.27 0.30
N ASN C 62 -6.54 7.52 -0.11
CA ASN C 62 -6.73 6.28 -0.87
C ASN C 62 -6.97 5.20 0.15
N PRO C 63 -8.03 4.45 0.01
CA PRO C 63 -8.25 3.42 1.01
C PRO C 63 -7.36 2.17 0.86
N ASN C 64 -6.52 2.12 -0.18
CA ASN C 64 -5.66 0.97 -0.34
C ASN C 64 -4.21 1.45 -0.09
N GLU C 65 -4.04 2.31 0.93
CA GLU C 65 -2.70 2.77 1.30
C GLU C 65 -2.48 2.57 2.76
N PHE C 66 -1.26 2.24 3.13
CA PHE C 66 -0.87 2.08 4.51
C PHE C 66 -0.72 3.51 5.03
N SER C 67 -0.86 3.70 6.33
CA SER C 67 -0.70 5.00 6.96
C SER C 67 -0.18 4.79 8.38
N ASP C 68 0.42 5.83 8.98
CA ASP C 68 0.83 5.76 10.39
C ASP C 68 -0.36 5.99 11.36
N LEU C 69 -1.25 6.89 11.01
CA LEU C 69 -2.42 7.16 11.84
C LEU C 69 -3.63 7.28 10.91
N VAL C 70 -4.79 6.92 11.46
CA VAL C 70 -6.03 7.09 10.75
C VAL C 70 -6.72 8.06 11.70
N PHE C 71 -7.08 9.23 11.22
CA PHE C 71 -7.62 10.26 12.11
C PHE C 71 -8.96 10.78 11.67
N GLY C 72 -9.94 10.86 12.57
CA GLY C 72 -11.24 11.43 12.20
C GLY C 72 -12.35 10.73 12.93
N ASN C 73 -13.50 10.60 12.28
CA ASN C 73 -14.64 9.92 12.92
C ASN C 73 -15.55 9.58 11.78
N PRO C 74 -15.11 8.65 10.90
CA PRO C 74 -15.91 8.26 9.75
C PRO C 74 -17.27 7.65 10.06
N LEU C 75 -18.21 7.93 9.17
CA LEU C 75 -19.55 7.40 9.30
C LEU C 75 -19.83 6.43 8.14
N GLY C 76 -20.97 5.74 8.23
CA GLY C 76 -21.38 4.80 7.19
C GLY C 76 -20.37 3.75 6.76
N SER C 77 -20.24 3.63 5.44
CA SER C 77 -19.30 2.66 4.89
C SER C 77 -17.85 3.00 5.21
N ALA C 78 -17.53 4.29 5.27
CA ALA C 78 -16.17 4.68 5.57
C ALA C 78 -15.88 4.20 6.99
N ARG C 79 -16.91 4.12 7.86
CA ARG C 79 -16.68 3.62 9.26
C ARG C 79 -16.38 2.10 9.32
N LYS C 80 -17.09 1.33 8.50
CA LYS C 80 -16.89 -0.12 8.40
C LYS C 80 -15.44 -0.30 7.94
N ILE C 81 -15.12 0.35 6.84
CA ILE C 81 -13.78 0.29 6.31
C ILE C 81 -12.73 0.63 7.38
N LEU C 82 -13.01 1.65 8.19
CA LEU C 82 -12.10 2.03 9.26
C LEU C 82 -11.67 0.81 10.06
N SER C 83 -12.67 0.02 10.42
CA SER C 83 -12.41 -1.12 11.27
C SER C 83 -11.46 -2.19 10.72
N TYR C 84 -11.04 -2.04 9.45
CA TYR C 84 -10.09 -2.99 8.82
C TYR C 84 -8.66 -2.42 8.74
N GLN C 85 -8.52 -1.21 9.28
CA GLN C 85 -7.25 -0.50 9.28
C GLN C 85 -6.20 -0.95 10.32
N ASN C 86 -5.10 -1.50 9.84
CA ASN C 86 -4.06 -1.87 10.79
C ASN C 86 -3.25 -0.59 11.04
N ALA C 87 -3.91 0.43 11.56
CA ALA C 87 -3.16 1.64 11.83
C ALA C 87 -3.65 2.06 13.15
N LYS C 88 -2.95 3.00 13.72
CA LYS C 88 -3.36 3.50 15.00
C LYS C 88 -4.50 4.49 14.61
N ARG C 89 -5.72 4.19 15.06
CA ARG C 89 -6.88 5.04 14.81
C ARG C 89 -7.05 6.07 15.91
N VAL C 90 -7.17 7.33 15.53
CA VAL C 90 -7.35 8.44 16.45
C VAL C 90 -8.68 9.12 16.14
N PHE C 91 -9.61 9.01 17.08
CA PHE C 91 -10.91 9.66 16.99
C PHE C 91 -10.75 11.16 17.26
N TYR C 92 -11.32 11.96 16.38
CA TYR C 92 -11.32 13.40 16.61
C TYR C 92 -12.58 14.00 15.94
N THR C 93 -13.35 14.78 16.66
CA THR C 93 -14.54 15.42 16.03
C THR C 93 -14.75 16.82 16.68
N GLY C 94 -15.42 17.69 15.96
CA GLY C 94 -15.64 19.00 16.53
C GLY C 94 -17.01 19.02 17.18
N GLU C 95 -17.78 17.93 17.04
CA GLU C 95 -19.12 17.77 17.62
C GLU C 95 -19.06 17.42 19.10
N ASN C 96 -20.23 17.49 19.73
CA ASN C 96 -20.40 17.16 21.14
C ASN C 96 -20.68 15.63 21.16
N GLU C 97 -19.62 14.85 20.93
CA GLU C 97 -19.73 13.37 20.85
C GLU C 97 -18.63 12.64 21.62
N SER C 98 -18.96 11.66 22.47
CA SER C 98 -17.92 10.92 23.20
C SER C 98 -17.34 9.85 22.26
N PRO C 99 -16.07 9.48 22.42
CA PRO C 99 -15.44 8.49 21.54
C PRO C 99 -15.79 7.03 21.75
N ASN C 100 -15.60 6.22 20.72
CA ASN C 100 -15.90 4.80 20.87
C ASN C 100 -14.52 4.15 21.02
N PHE C 101 -14.16 3.82 22.23
CA PHE C 101 -12.83 3.21 22.46
C PHE C 101 -12.72 1.76 21.94
N ASN C 102 -13.82 1.13 21.52
CA ASN C 102 -13.65 -0.24 20.99
C ASN C 102 -13.07 -0.10 19.59
N LEU C 103 -13.56 0.89 18.87
CA LEU C 103 -13.16 1.21 17.50
C LEU C 103 -11.85 1.98 17.30
N PHE C 104 -11.57 2.95 18.20
CA PHE C 104 -10.39 3.84 18.14
C PHE C 104 -9.38 3.58 19.24
N ASP C 105 -8.11 3.52 18.87
CA ASP C 105 -7.02 3.28 19.84
C ASP C 105 -6.83 4.51 20.72
N TYR C 106 -7.04 5.66 20.09
CA TYR C 106 -6.82 6.94 20.77
C TYR C 106 -7.94 7.92 20.43
N ALA C 107 -8.07 8.97 21.26
CA ALA C 107 -9.06 9.98 21.07
C ALA C 107 -8.68 11.32 21.65
N ILE C 108 -9.16 12.34 20.98
CA ILE C 108 -8.95 13.71 21.37
C ILE C 108 -10.39 14.27 21.35
N GLY C 109 -10.83 14.86 22.46
CA GLY C 109 -12.19 15.41 22.51
C GLY C 109 -12.33 16.48 23.55
N PHE C 110 -13.57 16.68 23.96
CA PHE C 110 -13.97 17.69 24.95
C PHE C 110 -14.21 17.10 26.33
N ASP C 111 -14.38 15.77 26.38
CA ASP C 111 -14.77 15.14 27.62
C ASP C 111 -13.76 15.29 28.74
N GLU C 112 -14.28 15.39 29.98
CA GLU C 112 -13.46 15.53 31.19
C GLU C 112 -13.24 14.08 31.64
N LEU C 113 -12.31 13.42 30.97
CA LEU C 113 -12.09 12.03 31.20
C LEU C 113 -10.63 11.68 31.16
N ASP C 114 -10.23 10.75 31.99
CA ASP C 114 -8.82 10.34 31.96
C ASP C 114 -8.71 8.84 31.60
N PHE C 115 -8.06 8.54 30.49
CA PHE C 115 -7.92 7.15 30.10
C PHE C 115 -6.43 6.95 29.86
N ASN C 116 -5.62 7.41 30.82
CA ASN C 116 -4.15 7.30 30.68
C ASN C 116 -3.68 7.81 29.32
N ASP C 117 -2.99 6.98 28.53
CA ASP C 117 -2.45 7.42 27.25
C ASP C 117 -3.43 7.42 26.07
N ARG C 118 -4.64 6.93 26.29
CA ARG C 118 -5.59 6.83 25.19
C ARG C 118 -6.42 8.03 24.92
N TYR C 119 -6.40 9.00 25.84
CA TYR C 119 -7.24 10.16 25.63
C TYR C 119 -6.59 11.47 25.97
N LEU C 120 -6.91 12.47 25.17
CA LEU C 120 -6.42 13.84 25.38
C LEU C 120 -7.59 14.83 25.28
N ARG C 121 -7.73 15.78 26.20
CA ARG C 121 -8.80 16.80 26.04
C ARG C 121 -8.19 18.00 25.35
N MET C 122 -8.71 18.34 24.17
CA MET C 122 -8.25 19.47 23.42
C MET C 122 -9.52 20.14 22.90
N PRO C 123 -10.13 21.04 23.71
CA PRO C 123 -11.37 21.68 23.23
C PRO C 123 -11.21 22.51 21.98
N LEU C 124 -12.31 22.72 21.25
CA LEU C 124 -12.28 23.52 20.03
C LEU C 124 -11.87 24.98 20.32
N TYR C 125 -12.08 25.46 21.55
CA TYR C 125 -11.63 26.84 21.79
C TYR C 125 -10.10 27.03 21.51
N TYR C 126 -9.28 26.00 21.72
CA TYR C 126 -7.83 26.07 21.54
C TYR C 126 -7.52 26.26 20.07
N ASP C 127 -8.23 25.54 19.22
CA ASP C 127 -8.10 25.72 17.77
C ASP C 127 -8.48 27.15 17.39
N ARG C 128 -9.54 27.68 17.99
CA ARG C 128 -9.95 29.02 17.63
C ARG C 128 -8.85 30.06 18.04
N LEU C 129 -8.29 29.88 19.25
CA LEU C 129 -7.20 30.78 19.71
C LEU C 129 -6.10 30.77 18.67
N HIS C 130 -5.80 29.59 18.12
CA HIS C 130 -4.77 29.46 17.08
C HIS C 130 -5.11 30.36 15.90
N HIS C 131 -6.38 30.35 15.47
CA HIS C 131 -6.74 31.18 14.36
C HIS C 131 -6.70 32.69 14.70
N LYS C 132 -7.00 33.05 15.94
CA LYS C 132 -6.96 34.44 16.33
C LYS C 132 -5.49 34.90 16.33
N ALA C 133 -4.60 34.09 16.89
CA ALA C 133 -3.20 34.43 16.93
C ALA C 133 -2.64 34.70 15.52
N GLU C 134 -2.95 33.83 14.56
CA GLU C 134 -2.46 34.06 13.23
C GLU C 134 -3.00 35.34 12.66
N SER C 135 -4.28 35.59 12.85
CA SER C 135 -4.83 36.81 12.29
C SER C 135 -4.21 38.08 12.93
N VAL C 136 -3.63 38.05 14.12
CA VAL C 136 -3.07 39.32 14.61
C VAL C 136 -1.56 39.44 14.36
N ASN C 137 -1.05 38.67 13.40
CA ASN C 137 0.36 38.78 13.09
C ASN C 137 0.22 39.80 11.99
N ASP C 138 0.03 41.04 12.39
CA ASP C 138 -0.25 42.04 11.45
C ASP C 138 0.20 43.31 12.18
N THR C 139 0.81 44.21 11.42
CA THR C 139 1.32 45.49 11.94
C THR C 139 0.26 46.47 12.39
N THR C 140 -1.00 46.23 12.06
CA THR C 140 -2.01 47.17 12.51
C THR C 140 -2.98 46.57 13.49
N ALA C 141 -2.71 45.34 13.93
CA ALA C 141 -3.63 44.68 14.87
C ALA C 141 -3.51 45.29 16.28
N PRO C 142 -4.60 45.35 17.04
CA PRO C 142 -4.64 45.92 18.39
C PRO C 142 -4.20 44.97 19.47
N TYR C 143 -3.83 43.75 19.07
CA TYR C 143 -3.37 42.76 20.04
C TYR C 143 -1.94 42.49 19.68
N LYS C 144 -1.13 42.25 20.70
CA LYS C 144 0.30 42.06 20.43
C LYS C 144 0.82 40.66 20.63
N LEU C 145 1.69 40.23 19.75
CA LEU C 145 2.32 38.93 19.87
C LEU C 145 3.79 39.09 20.33
N LYS C 146 4.25 38.33 21.34
CA LYS C 146 5.65 38.47 21.79
C LYS C 146 6.52 38.30 20.55
N ASP C 147 7.48 39.21 20.42
CA ASP C 147 8.38 39.21 19.28
C ASP C 147 9.13 37.88 19.15
N ASN C 148 9.40 37.49 17.92
CA ASN C 148 10.12 36.25 17.65
C ASN C 148 9.53 34.92 18.25
N SER C 149 8.26 34.93 18.66
CA SER C 149 7.58 33.74 19.17
C SER C 149 7.06 33.02 17.93
N LEU C 150 6.64 31.76 18.07
CA LEU C 150 6.17 31.02 16.90
C LEU C 150 5.18 31.71 15.92
N TYR C 151 4.17 32.40 16.42
CA TYR C 151 3.24 33.00 15.46
C TYR C 151 3.73 34.24 14.73
N ALA C 152 4.71 34.93 15.32
CA ALA C 152 5.27 36.14 14.71
C ALA C 152 6.45 35.86 13.80
N LEU C 153 6.73 34.59 13.50
CA LEU C 153 7.88 34.31 12.65
C LEU C 153 7.56 34.49 11.20
N LYS C 154 6.28 34.40 10.86
CA LYS C 154 5.88 34.55 9.49
C LYS C 154 5.78 36.06 9.25
N LYS C 155 5.84 36.47 7.98
CA LYS C 155 5.78 37.88 7.60
C LYS C 155 4.38 38.43 7.87
N PRO C 156 4.28 39.47 8.69
CA PRO C 156 2.99 40.05 9.06
C PRO C 156 2.24 40.68 7.90
N SER C 157 0.93 40.82 8.09
CA SER C 157 0.04 41.47 7.11
C SER C 157 -0.16 42.89 7.69
N HIS C 158 -0.88 43.74 6.97
CA HIS C 158 -1.04 45.14 7.41
C HIS C 158 -2.45 45.62 7.25
N CYS C 159 -3.37 44.65 7.16
CA CYS C 159 -4.76 44.94 6.89
C CYS C 159 -5.71 44.77 8.05
N PHE C 160 -5.25 44.28 9.20
CA PHE C 160 -6.21 44.11 10.30
C PHE C 160 -7.10 45.33 10.65
N LYS C 161 -6.48 46.50 10.87
CA LYS C 161 -7.21 47.68 11.30
C LYS C 161 -8.25 48.16 10.26
N GLU C 162 -7.89 48.08 8.97
CA GLU C 162 -8.77 48.44 7.84
C GLU C 162 -10.01 47.54 7.90
N LYS C 163 -9.83 46.25 8.16
CA LYS C 163 -10.92 45.30 8.23
C LYS C 163 -11.69 45.20 9.53
N HIS C 164 -11.22 45.89 10.58
CA HIS C 164 -11.90 45.87 11.89
C HIS C 164 -11.66 47.23 12.57
N PRO C 165 -12.19 48.31 11.99
CA PRO C 165 -12.00 49.64 12.57
C PRO C 165 -12.56 49.80 13.95
N ASN C 166 -13.80 49.42 14.14
CA ASN C 166 -14.35 49.52 15.44
C ASN C 166 -13.67 48.61 16.49
N LEU C 167 -13.31 47.40 16.12
CA LEU C 167 -12.70 46.54 17.12
C LEU C 167 -11.40 47.19 17.69
N CYS C 168 -10.60 47.78 16.83
CA CYS C 168 -9.32 48.40 17.25
C CYS C 168 -9.61 49.63 18.10
N ALA C 169 -10.59 50.41 17.67
CA ALA C 169 -10.93 51.61 18.42
C ALA C 169 -11.26 51.28 19.88
N VAL C 170 -12.11 50.30 20.09
CA VAL C 170 -12.49 50.06 21.45
C VAL C 170 -11.40 49.38 22.19
N VAL C 171 -10.63 48.56 21.51
CA VAL C 171 -9.53 47.93 22.24
C VAL C 171 -8.46 48.99 22.57
N ASN C 172 -8.13 49.85 21.62
CA ASN C 172 -7.14 50.92 21.80
C ASN C 172 -7.62 52.07 22.71
N ASP C 173 -8.81 51.95 23.27
CA ASP C 173 -9.31 53.02 24.11
C ASP C 173 -9.62 54.31 23.34
N GLU C 174 -9.89 54.18 22.04
CA GLU C 174 -10.24 55.35 21.26
C GLU C 174 -11.76 55.47 21.23
N SER C 175 -12.49 54.46 21.72
CA SER C 175 -13.96 54.49 21.77
C SER C 175 -14.43 53.96 23.09
N ASP C 176 -15.53 54.48 23.58
CA ASP C 176 -16.08 54.05 24.87
C ASP C 176 -16.87 52.74 24.75
N PRO C 177 -16.45 51.70 25.42
CA PRO C 177 -17.20 50.43 25.32
C PRO C 177 -18.60 50.47 25.89
N LEU C 178 -18.95 51.56 26.60
CA LEU C 178 -20.31 51.64 27.13
C LEU C 178 -21.20 52.24 26.06
N LYS C 179 -20.59 52.86 25.05
CA LYS C 179 -21.36 53.52 23.96
C LYS C 179 -21.46 52.57 22.77
N ARG C 180 -22.23 51.49 22.95
CA ARG C 180 -22.39 50.47 21.91
C ARG C 180 -23.79 49.92 22.05
N GLY C 181 -24.21 49.12 21.08
CA GLY C 181 -25.51 48.51 21.22
C GLY C 181 -25.52 47.51 22.36
N PHE C 182 -26.69 46.99 22.65
CA PHE C 182 -26.82 46.01 23.73
C PHE C 182 -26.15 44.62 23.56
N ALA C 183 -26.63 43.81 22.61
CA ALA C 183 -26.12 42.44 22.45
C ALA C 183 -26.21 41.88 21.06
N SER C 184 -25.22 41.09 20.68
CA SER C 184 -25.22 40.44 19.39
C SER C 184 -25.51 38.96 19.57
N PHE C 185 -25.94 38.34 18.50
CA PHE C 185 -26.29 36.94 18.45
C PHE C 185 -26.01 36.50 17.01
N VAL C 186 -25.03 35.62 16.82
CA VAL C 186 -24.71 35.14 15.50
C VAL C 186 -24.79 33.62 15.47
N ALA C 187 -25.84 33.13 14.83
CA ALA C 187 -26.06 31.69 14.69
C ALA C 187 -26.85 31.35 13.42
N SER C 188 -26.53 30.18 12.83
CA SER C 188 -27.23 29.75 11.63
C SER C 188 -27.78 28.34 11.76
N ASN C 189 -27.42 27.59 12.80
CA ASN C 189 -27.97 26.26 12.97
C ASN C 189 -29.24 26.53 13.77
N PRO C 190 -30.41 26.27 13.17
CA PRO C 190 -31.65 26.53 13.90
C PRO C 190 -32.03 25.48 14.88
N ASN C 191 -31.34 24.35 14.93
CA ASN C 191 -31.78 23.32 15.85
C ASN C 191 -31.02 23.38 17.16
N ALA C 192 -31.40 24.40 17.93
CA ALA C 192 -30.77 24.72 19.21
C ALA C 192 -31.84 25.50 20.00
N PRO C 193 -32.90 24.77 20.40
CA PRO C 193 -34.07 25.28 21.15
C PRO C 193 -33.72 26.08 22.39
N ILE C 194 -32.79 25.59 23.19
CA ILE C 194 -32.40 26.33 24.38
C ILE C 194 -31.83 27.71 23.99
N ARG C 195 -30.94 27.73 23.02
CA ARG C 195 -30.32 28.96 22.51
C ARG C 195 -31.41 29.91 22.04
N ASN C 196 -32.30 29.38 21.21
CA ASN C 196 -33.36 30.21 20.63
C ASN C 196 -34.33 30.78 21.69
N ALA C 197 -34.68 29.96 22.67
CA ALA C 197 -35.58 30.41 23.71
C ALA C 197 -34.88 31.47 24.55
N PHE C 198 -33.58 31.29 24.82
CA PHE C 198 -32.91 32.30 25.59
C PHE C 198 -32.83 33.57 24.76
N TYR C 199 -32.65 33.45 23.44
CA TYR C 199 -32.58 34.68 22.68
C TYR C 199 -33.94 35.40 22.83
N ASP C 200 -35.05 34.66 22.68
CA ASP C 200 -36.38 35.28 22.79
C ASP C 200 -36.58 35.92 24.15
N ALA C 201 -36.23 35.21 25.21
CA ALA C 201 -36.37 35.76 26.56
C ALA C 201 -35.55 37.04 26.76
N LEU C 202 -34.31 37.01 26.31
CA LEU C 202 -33.44 38.14 26.46
C LEU C 202 -33.89 39.25 25.51
N ASN C 203 -34.38 38.86 24.34
CA ASN C 203 -34.77 39.86 23.39
C ASN C 203 -35.96 40.63 23.89
N SER C 204 -36.90 39.88 24.45
CA SER C 204 -38.10 40.44 25.06
C SER C 204 -37.84 41.54 26.10
N ILE C 205 -36.65 41.56 26.71
CA ILE C 205 -36.31 42.54 27.76
C ILE C 205 -35.40 43.66 27.28
N GLU C 206 -34.89 43.51 26.06
CA GLU C 206 -34.01 44.53 25.47
C GLU C 206 -33.65 43.94 24.08
N PRO C 207 -33.93 44.66 22.99
CA PRO C 207 -33.61 44.11 21.66
C PRO C 207 -32.22 43.55 21.44
N VAL C 208 -32.15 42.31 20.95
CA VAL C 208 -30.86 41.65 20.66
C VAL C 208 -30.66 41.64 19.14
N THR C 209 -29.47 42.05 18.68
CA THR C 209 -29.20 42.13 17.25
C THR C 209 -28.67 40.81 16.71
N GLY C 210 -29.43 40.23 15.78
CA GLY C 210 -29.09 38.93 15.20
C GLY C 210 -28.37 39.09 13.89
N GLY C 211 -27.15 38.58 13.81
CA GLY C 211 -26.35 38.75 12.62
C GLY C 211 -26.15 37.49 11.75
N GLY C 212 -26.68 36.35 12.20
CA GLY C 212 -26.61 35.10 11.47
C GLY C 212 -28.02 34.79 10.98
N SER C 213 -28.24 33.62 10.42
CA SER C 213 -29.52 33.17 9.91
C SER C 213 -30.63 33.06 10.92
N VAL C 214 -30.29 32.60 12.12
CA VAL C 214 -31.30 32.37 13.14
C VAL C 214 -31.64 33.68 13.86
N ARG C 215 -32.94 34.01 13.97
CA ARG C 215 -33.38 35.25 14.66
C ARG C 215 -32.66 36.48 14.11
N ASN C 216 -32.48 36.49 12.79
CA ASN C 216 -31.81 37.59 12.11
C ASN C 216 -32.57 38.91 12.23
N THR C 217 -31.86 40.01 12.51
CA THR C 217 -32.56 41.29 12.56
C THR C 217 -31.79 42.28 11.70
N LEU C 218 -30.55 41.95 11.39
CA LEU C 218 -29.73 42.82 10.58
C LEU C 218 -30.27 42.97 9.12
N GLY C 219 -30.90 41.93 8.58
CA GLY C 219 -31.40 41.97 7.20
C GLY C 219 -30.63 40.98 6.35
N TYR C 220 -29.36 40.76 6.68
CA TYR C 220 -28.53 39.85 5.91
C TYR C 220 -27.55 39.15 6.86
N ASN C 221 -26.80 38.16 6.41
CA ASN C 221 -25.86 37.49 7.32
C ASN C 221 -24.43 38.10 7.29
N VAL C 222 -23.91 38.51 8.45
CA VAL C 222 -22.58 39.16 8.43
C VAL C 222 -21.46 38.23 8.05
N LYS C 223 -20.45 38.85 7.44
CA LYS C 223 -19.24 38.16 7.03
C LYS C 223 -18.14 38.30 8.10
N ASN C 224 -17.89 39.50 8.59
CA ASN C 224 -16.86 39.71 9.60
C ASN C 224 -17.52 39.63 11.01
N LYS C 225 -17.54 38.43 11.59
CA LYS C 225 -18.13 38.28 12.93
C LYS C 225 -17.37 39.12 14.01
N ASN C 226 -16.05 39.13 13.88
CA ASN C 226 -15.13 39.85 14.77
C ASN C 226 -15.57 41.32 14.98
N GLU C 227 -15.74 42.00 13.85
CA GLU C 227 -16.10 43.39 13.85
C GLU C 227 -17.52 43.60 14.33
N PHE C 228 -18.44 42.76 13.86
CA PHE C 228 -19.83 42.86 14.31
C PHE C 228 -19.92 42.68 15.84
N LEU C 229 -19.25 41.68 16.42
CA LEU C 229 -19.37 41.52 17.87
C LEU C 229 -18.78 42.69 18.64
N SER C 230 -17.73 43.35 18.11
CA SER C 230 -17.12 44.50 18.79
C SER C 230 -18.10 45.69 18.93
N GLN C 231 -19.19 45.70 18.16
CA GLN C 231 -20.12 46.80 18.20
C GLN C 231 -21.21 46.71 19.24
N TYR C 232 -21.17 45.68 20.06
CA TYR C 232 -22.19 45.52 21.08
C TYR C 232 -21.51 45.19 22.42
N LYS C 233 -22.24 45.47 23.49
CA LYS C 233 -21.79 45.29 24.88
C LYS C 233 -21.70 43.85 25.33
N PHE C 234 -22.62 43.02 24.84
CA PHE C 234 -22.61 41.57 25.20
C PHE C 234 -22.72 40.71 23.92
N ASN C 235 -22.25 39.47 23.96
CA ASN C 235 -22.49 38.57 22.81
C ASN C 235 -23.21 37.30 23.34
N LEU C 236 -24.38 36.99 22.81
CA LEU C 236 -25.12 35.75 23.21
C LEU C 236 -24.38 34.56 22.55
N CYS C 237 -23.66 33.91 23.44
CA CYS C 237 -22.71 32.84 23.27
C CYS C 237 -23.18 31.39 23.71
N PHE C 238 -24.09 30.75 23.01
CA PHE C 238 -24.61 29.48 23.49
C PHE C 238 -24.22 28.31 22.55
N GLU C 239 -23.78 27.20 23.18
CA GLU C 239 -23.40 25.96 22.49
C GLU C 239 -24.70 25.39 21.97
N ASN C 240 -24.68 24.55 20.94
CA ASN C 240 -25.98 24.05 20.51
C ASN C 240 -26.56 22.92 21.36
N THR C 241 -25.74 22.35 22.25
CA THR C 241 -26.22 21.25 23.11
C THR C 241 -25.33 21.30 24.34
N GLN C 242 -25.82 20.77 25.43
CA GLN C 242 -25.08 20.75 26.67
C GLN C 242 -24.13 19.57 26.70
N GLY C 243 -22.91 19.82 27.15
CA GLY C 243 -21.94 18.77 27.29
C GLY C 243 -20.87 19.17 28.31
N TYR C 244 -20.55 18.32 29.28
CA TYR C 244 -19.51 18.67 30.22
C TYR C 244 -18.14 18.70 29.53
N GLY C 245 -17.54 19.89 29.48
CA GLY C 245 -16.27 20.08 28.86
C GLY C 245 -16.43 20.58 27.44
N TYR C 246 -17.66 20.63 26.95
CA TYR C 246 -17.90 21.01 25.57
C TYR C 246 -17.92 22.55 25.39
N VAL C 247 -16.74 23.11 25.18
CA VAL C 247 -16.61 24.55 25.02
C VAL C 247 -15.98 24.81 23.64
N THR C 248 -16.75 25.45 22.75
CA THR C 248 -16.24 25.65 21.40
C THR C 248 -15.60 27.03 21.15
N GLU C 249 -15.52 27.42 19.87
CA GLU C 249 -14.95 28.68 19.47
C GLU C 249 -15.77 29.88 19.95
N LYS C 250 -17.05 29.64 20.23
CA LYS C 250 -17.94 30.75 20.58
C LYS C 250 -17.50 31.74 21.69
N ILE C 251 -17.06 31.20 22.84
CA ILE C 251 -16.69 32.08 23.90
C ILE C 251 -15.40 32.83 23.48
N ILE C 252 -14.55 32.20 22.68
CA ILE C 252 -13.32 32.89 22.21
C ILE C 252 -13.66 34.09 21.32
N ASP C 253 -14.66 33.95 20.48
CA ASP C 253 -14.98 35.07 19.62
C ASP C 253 -15.44 36.29 20.43
N ALA C 254 -16.21 36.06 21.50
CA ALA C 254 -16.68 37.19 22.34
C ALA C 254 -15.48 37.87 23.03
N TYR C 255 -14.59 37.09 23.66
CA TYR C 255 -13.41 37.71 24.26
C TYR C 255 -12.61 38.43 23.18
N PHE C 256 -12.35 37.76 22.05
CA PHE C 256 -11.58 38.42 21.00
C PHE C 256 -12.22 39.75 20.53
N SER C 257 -13.55 39.81 20.55
CA SER C 257 -14.14 41.04 20.06
C SER C 257 -14.43 42.08 21.14
N HIS C 258 -13.86 41.86 22.33
CA HIS C 258 -13.99 42.84 23.42
C HIS C 258 -15.46 43.05 23.80
N THR C 259 -16.17 41.96 24.02
CA THR C 259 -17.57 42.09 24.35
C THR C 259 -17.76 41.02 25.39
N ILE C 260 -18.76 41.19 26.23
CA ILE C 260 -18.96 40.22 27.30
C ILE C 260 -19.73 38.96 26.81
N PRO C 261 -19.21 37.77 27.09
CA PRO C 261 -19.93 36.56 26.64
C PRO C 261 -21.11 36.23 27.57
N ILE C 262 -22.28 35.97 27.01
CA ILE C 262 -23.41 35.45 27.85
C ILE C 262 -23.34 33.91 27.36
N TYR C 263 -22.82 33.09 28.27
CA TYR C 263 -22.51 31.72 27.96
C TYR C 263 -23.34 30.60 28.54
N TRP C 264 -23.52 29.58 27.71
CA TRP C 264 -24.23 28.38 28.15
C TRP C 264 -23.77 27.24 27.27
N GLY C 265 -23.63 26.09 27.88
CA GLY C 265 -23.23 24.90 27.13
C GLY C 265 -22.58 23.89 28.02
N SER C 266 -21.32 24.11 28.33
CA SER C 266 -20.63 23.22 29.26
C SER C 266 -20.88 23.70 30.69
N PRO C 267 -21.53 22.88 31.54
CA PRO C 267 -21.74 23.39 32.91
C PRO C 267 -20.44 23.55 33.74
N SER C 268 -19.34 23.04 33.22
CA SER C 268 -18.05 23.13 33.94
C SER C 268 -17.18 24.18 33.27
N VAL C 269 -17.77 25.08 32.49
CA VAL C 269 -16.96 26.04 31.76
C VAL C 269 -16.03 26.89 32.70
N ALA C 270 -16.48 27.14 33.93
CA ALA C 270 -15.68 27.89 34.91
C ALA C 270 -14.34 27.21 35.17
N LYS C 271 -14.17 25.95 34.79
CA LYS C 271 -12.88 25.32 34.94
C LYS C 271 -11.95 25.82 33.85
N ASP C 272 -12.51 26.12 32.68
CA ASP C 272 -11.67 26.59 31.55
C ASP C 272 -11.47 28.10 31.58
N PHE C 273 -12.50 28.83 31.98
CA PHE C 273 -12.42 30.28 31.98
C PHE C 273 -12.81 30.92 33.35
N ASN C 274 -12.24 32.12 33.61
CA ASN C 274 -12.50 32.90 34.78
C ASN C 274 -13.97 33.29 34.82
N PRO C 275 -14.69 32.77 35.80
CA PRO C 275 -16.10 33.07 35.87
C PRO C 275 -16.45 34.53 36.12
N LYS C 276 -15.50 35.36 36.52
CA LYS C 276 -15.88 36.77 36.71
C LYS C 276 -15.77 37.49 35.35
N SER C 277 -15.18 36.81 34.35
CA SER C 277 -15.05 37.43 33.02
C SER C 277 -16.22 37.23 32.06
N PHE C 278 -17.29 36.57 32.53
CA PHE C 278 -18.45 36.30 31.66
C PHE C 278 -19.71 35.93 32.42
N VAL C 279 -20.86 36.01 31.79
CA VAL C 279 -22.06 35.60 32.48
C VAL C 279 -22.21 34.09 32.22
N ASN C 280 -22.15 33.31 33.29
CA ASN C 280 -22.31 31.89 33.18
C ASN C 280 -23.79 31.55 33.48
N VAL C 281 -24.58 31.34 32.44
CA VAL C 281 -25.98 31.04 32.62
C VAL C 281 -26.20 29.81 33.49
N HIS C 282 -25.25 28.89 33.48
CA HIS C 282 -25.34 27.69 34.32
C HIS C 282 -25.32 27.97 35.82
N ASP C 283 -24.82 29.14 36.20
CA ASP C 283 -24.79 29.52 37.60
C ASP C 283 -26.15 29.89 38.18
N PHE C 284 -27.17 30.05 37.32
CA PHE C 284 -28.48 30.42 37.85
C PHE C 284 -29.52 29.36 37.83
N LYS C 285 -30.49 29.49 38.74
CA LYS C 285 -31.56 28.52 38.89
C LYS C 285 -32.43 28.49 37.66
N ASN C 286 -32.52 29.59 36.94
CA ASN C 286 -33.33 29.63 35.74
C ASN C 286 -32.90 30.76 34.84
N PHE C 287 -33.41 30.74 33.61
CA PHE C 287 -33.06 31.75 32.65
C PHE C 287 -33.40 33.18 33.14
N ASP C 288 -34.54 33.30 33.81
CA ASP C 288 -34.92 34.63 34.28
C ASP C 288 -33.91 35.28 35.22
N GLU C 289 -33.42 34.52 36.20
CA GLU C 289 -32.40 35.03 37.10
C GLU C 289 -31.19 35.44 36.28
N ALA C 290 -30.87 34.70 35.22
CA ALA C 290 -29.68 35.05 34.42
C ALA C 290 -29.97 36.34 33.69
N ILE C 291 -31.18 36.48 33.21
CA ILE C 291 -31.49 37.69 32.51
C ILE C 291 -31.52 38.92 33.43
N ASP C 292 -31.97 38.76 34.66
CA ASP C 292 -31.96 39.89 35.60
C ASP C 292 -30.55 40.36 35.82
N TYR C 293 -29.60 39.42 35.92
CA TYR C 293 -28.19 39.75 36.14
C TYR C 293 -27.63 40.48 34.95
N ILE C 294 -28.04 40.05 33.77
CA ILE C 294 -27.57 40.69 32.54
C ILE C 294 -28.06 42.16 32.52
N LYS C 295 -29.31 42.36 32.94
CA LYS C 295 -29.93 43.69 33.03
C LYS C 295 -29.11 44.54 34.04
N TYR C 296 -28.82 43.94 35.19
CA TYR C 296 -28.01 44.63 36.19
C TYR C 296 -26.68 45.08 35.56
N LEU C 297 -25.92 44.18 34.92
CA LEU C 297 -24.67 44.58 34.29
C LEU C 297 -24.91 45.64 33.25
N HIS C 298 -25.99 45.52 32.51
CA HIS C 298 -26.24 46.49 31.45
C HIS C 298 -26.50 47.95 31.96
N THR C 299 -26.96 48.02 33.21
CA THR C 299 -27.26 49.32 33.80
C THR C 299 -26.37 49.71 34.96
N HIS C 300 -25.24 49.05 35.14
CA HIS C 300 -24.33 49.42 36.22
C HIS C 300 -22.96 49.35 35.56
N LYS C 301 -22.51 50.50 35.06
CA LYS C 301 -21.30 50.55 34.31
C LYS C 301 -20.04 50.09 34.98
N ASN C 302 -19.96 50.18 36.28
CA ASN C 302 -18.73 49.71 36.88
C ASN C 302 -18.68 48.18 37.00
N ALA C 303 -19.83 47.57 37.27
CA ALA C 303 -19.92 46.11 37.35
C ALA C 303 -19.69 45.54 35.92
N TYR C 304 -20.25 46.19 34.90
CA TYR C 304 -20.06 45.80 33.49
C TYR C 304 -18.56 45.84 33.12
N LEU C 305 -17.90 47.00 33.32
CA LEU C 305 -16.47 47.16 33.02
C LEU C 305 -15.56 46.27 33.91
N ASP C 306 -15.95 45.99 35.14
CA ASP C 306 -15.12 45.05 35.92
C ASP C 306 -15.09 43.66 35.16
N MET C 307 -16.22 43.17 34.67
CA MET C 307 -16.26 41.88 33.93
C MET C 307 -15.52 41.93 32.60
N LEU C 308 -15.74 43.01 31.83
CA LEU C 308 -15.13 43.19 30.53
C LEU C 308 -13.63 43.20 30.60
N TYR C 309 -13.12 43.69 31.71
CA TYR C 309 -11.69 43.75 31.83
C TYR C 309 -11.11 42.65 32.64
N GLU C 310 -11.92 41.77 33.26
CA GLU C 310 -11.36 40.62 33.96
C GLU C 310 -10.49 39.75 33.01
N ASN C 311 -9.51 39.03 33.54
CA ASN C 311 -8.67 38.18 32.74
C ASN C 311 -9.60 36.99 32.31
N PRO C 312 -9.57 36.61 31.01
CA PRO C 312 -10.45 35.48 30.63
C PRO C 312 -10.07 34.18 31.35
N LEU C 313 -8.81 34.01 31.68
CA LEU C 313 -8.36 32.79 32.30
C LEU C 313 -8.28 32.84 33.79
N ASN C 314 -8.40 31.67 34.42
CA ASN C 314 -8.23 31.58 35.83
C ASN C 314 -6.71 31.76 36.05
N THR C 315 -6.35 32.17 37.26
CA THR C 315 -4.96 32.38 37.61
C THR C 315 -4.64 31.58 38.86
N LEU C 316 -3.39 31.21 39.03
CA LEU C 316 -3.01 30.47 40.22
C LEU C 316 -1.66 31.07 40.60
N ASP C 317 -1.58 31.63 41.82
CA ASP C 317 -0.32 32.24 42.22
C ASP C 317 0.02 33.36 41.21
N GLY C 318 -1.01 34.08 40.75
CA GLY C 318 -0.78 35.16 39.80
C GLY C 318 -0.59 34.79 38.35
N LYS C 319 -0.23 33.54 38.09
CA LYS C 319 -0.01 33.04 36.73
C LYS C 319 -1.29 32.50 36.06
N ALA C 320 -1.64 33.04 34.89
CA ALA C 320 -2.82 32.56 34.16
C ALA C 320 -2.50 31.17 33.67
N TYR C 321 -3.56 30.38 33.48
CA TYR C 321 -3.39 29.04 33.00
C TYR C 321 -4.58 28.47 32.23
N PHE C 322 -4.26 27.53 31.34
CA PHE C 322 -5.29 26.77 30.63
C PHE C 322 -5.57 25.56 31.49
N TYR C 323 -6.87 25.28 31.69
CA TYR C 323 -7.28 24.11 32.46
C TYR C 323 -6.47 22.90 32.05
N GLN C 324 -5.93 22.18 33.03
CA GLN C 324 -5.10 20.99 32.82
C GLN C 324 -3.88 21.21 31.99
N ASN C 325 -3.49 22.47 31.92
CA ASN C 325 -2.32 22.90 31.19
C ASN C 325 -2.23 22.46 29.73
N LEU C 326 -3.35 22.62 29.00
CA LEU C 326 -3.36 22.33 27.59
C LEU C 326 -2.22 23.17 26.98
N SER C 327 -1.48 22.61 26.06
CA SER C 327 -0.32 23.31 25.45
C SER C 327 0.23 22.53 24.27
N PHE C 328 1.06 23.18 23.45
CA PHE C 328 1.70 22.50 22.34
C PHE C 328 2.55 21.35 22.88
N LYS C 329 3.22 21.55 24.02
CA LYS C 329 4.04 20.45 24.58
C LYS C 329 3.18 19.25 24.99
N LYS C 330 2.01 19.51 25.62
CA LYS C 330 1.14 18.44 26.08
C LYS C 330 0.66 17.65 24.87
N ILE C 331 0.29 18.38 23.84
CA ILE C 331 -0.22 17.75 22.66
C ILE C 331 0.88 16.99 21.91
N LEU C 332 2.07 17.55 21.78
CA LEU C 332 3.10 16.75 21.10
C LEU C 332 3.50 15.51 21.90
N ALA C 333 3.47 15.58 23.23
CA ALA C 333 3.86 14.42 24.02
C ALA C 333 2.81 13.34 23.74
N PHE C 334 1.56 13.76 23.67
CA PHE C 334 0.47 12.81 23.43
C PHE C 334 0.71 12.07 22.14
N PHE C 335 1.09 12.80 21.07
CA PHE C 335 1.32 12.12 19.79
C PHE C 335 2.65 11.30 19.77
N LYS C 336 3.65 11.75 20.52
CA LYS C 336 4.92 11.02 20.59
C LYS C 336 4.65 9.66 21.23
N THR C 337 3.88 9.66 22.31
CA THR C 337 3.52 8.42 23.02
C THR C 337 2.74 7.51 22.03
N ILE C 338 1.76 8.07 21.29
CA ILE C 338 0.97 7.30 20.33
C ILE C 338 1.88 6.59 19.29
N LEU C 339 2.80 7.39 18.73
CA LEU C 339 3.69 6.91 17.69
C LEU C 339 4.68 5.88 18.19
N GLU C 340 5.15 6.05 19.42
CA GLU C 340 6.11 5.12 19.98
C GLU C 340 5.50 3.86 20.58
N ASN C 341 4.18 3.88 20.85
CA ASN C 341 3.50 2.77 21.45
C ASN C 341 2.95 1.85 20.38
N ASP C 342 3.41 0.62 20.39
CA ASP C 342 2.94 -0.32 19.40
C ASP C 342 1.79 -1.20 19.88
N THR C 343 1.24 -0.91 21.06
CA THR C 343 0.12 -1.73 21.53
C THR C 343 -1.18 -1.46 20.72
N ILE C 344 -1.84 -2.49 20.21
CA ILE C 344 -3.12 -2.24 19.51
C ILE C 344 -4.23 -2.24 20.56
N TYR C 345 -4.95 -1.15 20.73
CA TYR C 345 -6.07 -1.12 21.70
C TYR C 345 -7.45 -1.40 21.03
N HIS C 346 -7.64 -1.06 19.75
CA HIS C 346 -8.96 -1.34 19.15
C HIS C 346 -9.21 -2.82 18.99
N ASP C 347 -10.46 -3.18 18.88
CA ASP C 347 -10.85 -4.58 18.65
C ASP C 347 -10.05 -5.10 17.45
N ASN C 348 -9.32 -6.19 17.68
CA ASN C 348 -8.42 -6.86 16.71
C ASN C 348 -8.80 -8.32 16.73
N PRO C 349 -10.06 -8.59 16.49
CA PRO C 349 -10.47 -10.01 16.52
C PRO C 349 -9.82 -10.91 15.48
N PHE C 350 -9.89 -12.22 15.72
CA PHE C 350 -9.39 -13.14 14.73
C PHE C 350 -10.64 -13.20 13.88
N ILE C 351 -10.53 -13.75 12.67
CA ILE C 351 -11.70 -13.83 11.79
C ILE C 351 -12.27 -15.27 11.68
C1 FUC D . 17.45 -28.40 3.62
C2 FUC D . 16.92 -27.46 2.46
C3 FUC D . 16.50 -26.10 3.05
C4 FUC D . 17.71 -25.56 3.81
C5 FUC D . 18.02 -26.52 4.97
C6 FUC D . 19.13 -26.05 5.89
O2 FUC D . 15.78 -28.04 1.85
O3 FUC D . 16.13 -25.21 1.98
O4 FUC D . 18.82 -25.53 2.93
O5 FUC D . 18.45 -27.78 4.42
PB GDP E . 17.42 -30.89 3.81
O1B GDP E . 16.01 -30.66 4.23
O2B GDP E . 17.96 -29.61 3.12
O3B GDP E . 17.50 -32.09 2.75
O3A GDP E . 18.15 -31.17 5.23
PA GDP E . 19.62 -31.80 5.12
O1A GDP E . 19.55 -33.23 5.46
O2A GDP E . 20.19 -31.65 3.61
O5' GDP E . 20.54 -31.06 6.18
C5' GDP E . 20.58 -29.66 5.89
C4' GDP E . 22.03 -29.13 6.15
O4' GDP E . 22.49 -29.62 7.44
C3' GDP E . 23.00 -29.65 5.09
O3' GDP E . 23.99 -28.70 4.80
C2' GDP E . 23.57 -30.88 5.74
O2' GDP E . 24.83 -31.21 5.17
C1' GDP E . 23.63 -30.48 7.22
N9 GDP E . 23.59 -31.67 8.04
C8 GDP E . 22.68 -32.71 7.97
N7 GDP E . 22.95 -33.62 8.85
C5 GDP E . 24.05 -33.22 9.55
C6 GDP E . 24.83 -33.81 10.62
O6 GDP E . 24.52 -34.91 11.10
N1 GDP E . 25.92 -33.09 11.10
C2 GDP E . 26.26 -31.85 10.56
N2 GDP E . 27.35 -31.14 11.06
N3 GDP E . 25.54 -31.32 9.56
C4 GDP E . 24.45 -31.96 9.04
C1 FUC F . -16.54 -9.48 -11.97
C2 FUC F . -14.99 -9.53 -11.94
C3 FUC F . -14.42 -10.72 -12.72
C4 FUC F . -15.09 -10.72 -14.12
C5 FUC F . -16.62 -10.83 -13.93
C6 FUC F . -17.34 -10.93 -15.26
O2 FUC F . -14.61 -9.74 -10.58
O3 FUC F . -13.00 -10.53 -12.85
O4 FUC F . -14.81 -9.50 -14.79
O5 FUC F . -17.08 -9.64 -13.26
S SO4 G . -15.10 23.45 -24.72
O1 SO4 G . -16.39 22.77 -24.96
O2 SO4 G . -14.57 24.00 -25.99
O3 SO4 G . -15.28 24.55 -23.75
O4 SO4 G . -14.11 22.48 -24.19
PB GDP H . -18.15 -8.32 -10.35
O1B GDP H . -17.98 -9.49 -9.50
O2B GDP H . -16.98 -8.26 -11.38
O3B GDP H . -18.12 -6.98 -9.54
O3A GDP H . -19.53 -8.59 -11.21
PA GDP H . -20.26 -7.30 -11.78
O1A GDP H . -21.31 -6.89 -10.87
O2A GDP H . -19.26 -6.05 -11.98
O5' GDP H . -20.94 -7.75 -13.16
C5' GDP H . -19.97 -8.39 -14.03
C4' GDP H . -20.27 -7.98 -15.51
O4' GDP H . -21.66 -8.31 -15.86
C3' GDP H . -20.11 -6.46 -15.70
O3' GDP H . -19.60 -6.15 -17.02
C2' GDP H . -21.50 -5.93 -15.50
O2' GDP H . -21.70 -4.66 -16.12
C1' GDP H . -22.36 -7.04 -16.10
N9 GDP H . -23.68 -6.98 -15.45
C8 GDP H . -23.94 -6.92 -14.09
N7 GDP H . -25.24 -6.84 -13.89
C5 GDP H . -25.86 -6.86 -15.11
C6 GDP H . -27.24 -6.80 -15.53
O6 GDP H . -28.15 -6.73 -14.72
N1 GDP H . -27.51 -6.82 -16.88
C2 GDP H . -26.49 -6.91 -17.80
N2 GDP H . -26.79 -6.93 -19.15
N3 GDP H . -25.21 -6.97 -17.42
C4 GDP H . -24.86 -6.94 -16.11
C1 FUC I . -21.47 24.30 16.02
C2 FUC I . -20.94 23.32 17.14
C3 FUC I . -19.67 22.58 16.69
C4 FUC I . -18.66 23.69 16.23
C5 FUC I . -19.31 24.44 15.02
C6 FUC I . -18.41 25.47 14.34
O2 FUC I . -21.90 22.31 17.38
O3 FUC I . -19.15 21.85 17.80
O4 FUC I . -18.48 24.66 17.30
O5 FUC I . -20.45 25.16 15.51
S SO4 J . -22.25 50.73 39.49
O1 SO4 J . -23.64 50.83 39.99
O2 SO4 J . -22.17 51.40 38.17
O3 SO4 J . -21.34 51.39 40.44
O4 SO4 J . -21.85 49.30 39.39
PB GDP K . -23.81 25.20 15.59
O1B GDP K . -24.04 23.87 14.98
O2B GDP K . -22.54 25.08 16.50
O3B GDP K . -25.05 25.59 16.50
O3A GDP K . -23.55 26.24 14.34
PA GDP K . -23.69 27.83 14.69
O1A GDP K . -24.98 28.36 14.20
O2A GDP K . -23.64 28.14 16.27
O5' GDP K . -22.51 28.57 13.92
C5' GDP K . -21.19 28.01 14.20
C4' GDP K . -20.20 29.15 14.33
O4' GDP K . -20.24 29.96 13.10
C3' GDP K . -20.56 30.14 15.49
O3' GDP K . -19.39 30.71 16.06
C2' GDP K . -21.38 31.21 14.80
O2' GDP K . -21.26 32.45 15.50
C1' GDP K . -20.75 31.29 13.42
N9 GDP K . -21.77 31.79 12.48
C8 GDP K . -23.08 31.33 12.32
N7 GDP K . -23.69 32.09 11.41
C5 GDP K . -22.83 33.03 10.95
C6 GDP K . -22.94 34.07 9.99
O6 GDP K . -24.01 34.26 9.38
N1 GDP K . -21.83 34.88 9.75
C2 GDP K . -20.62 34.66 10.44
N2 GDP K . -19.56 35.45 10.21
N3 GDP K . -20.53 33.66 11.34
C4 GDP K . -21.59 32.85 11.61
#